data_1TTN
#
_entry.id   1TTN
#
_entity_poly.entity_id   1
_entity_poly.type   'polypeptide(L)'
_entity_poly.pdbx_seq_one_letter_code
;MIEEKSDIETLDIPEPPPNSGYECQLRLRLSTGKDLKLVVRSTDTVFHMKRRLHAAEGVEPGSQRWFFSGRPLTDKMKFE
ELKIPKDYVVQVIVSQPVQNPTPVEN
;
_entity_poly.pdbx_strand_id   A
#
# COMPACT_ATOMS: atom_id res chain seq x y z
N GLY A 21 -2.67 -16.96 4.40
CA GLY A 21 -2.36 -15.82 3.50
C GLY A 21 -2.25 -16.24 2.05
N TYR A 22 -3.37 -16.62 1.45
CA TYR A 22 -3.40 -17.04 0.05
C TYR A 22 -3.92 -15.92 -0.84
N GLU A 23 -5.16 -15.50 -0.60
CA GLU A 23 -5.77 -14.45 -1.39
C GLU A 23 -5.96 -13.19 -0.54
N CYS A 24 -5.03 -12.25 -0.67
CA CYS A 24 -5.09 -11.00 0.09
C CYS A 24 -5.26 -9.81 -0.84
N GLN A 25 -6.20 -8.93 -0.51
CA GLN A 25 -6.47 -7.74 -1.31
C GLN A 25 -6.46 -6.50 -0.42
N LEU A 26 -5.42 -5.68 -0.59
CA LEU A 26 -5.27 -4.47 0.22
C LEU A 26 -5.57 -3.21 -0.59
N ARG A 27 -6.37 -2.31 -0.01
CA ARG A 27 -6.71 -1.06 -0.67
C ARG A 27 -5.72 0.02 -0.29
N LEU A 28 -5.15 0.70 -1.28
CA LEU A 28 -4.17 1.76 -1.01
C LEU A 28 -4.78 3.15 -1.18
N ARG A 29 -4.65 3.98 -0.16
CA ARG A 29 -5.16 5.35 -0.23
C ARG A 29 -4.00 6.32 -0.42
N LEU A 30 -3.70 6.66 -1.68
CA LEU A 30 -2.59 7.55 -1.97
C LEU A 30 -3.05 8.98 -2.24
N SER A 31 -2.08 9.89 -2.40
CA SER A 31 -2.37 11.30 -2.65
C SER A 31 -3.41 11.85 -1.68
N THR A 32 -3.76 11.04 -0.68
CA THR A 32 -4.75 11.42 0.32
C THR A 32 -6.16 11.18 -0.21
N GLY A 33 -6.25 10.40 -1.29
CA GLY A 33 -7.53 10.11 -1.89
C GLY A 33 -7.37 9.30 -3.16
N LYS A 34 -6.36 8.43 -3.15
CA LYS A 34 -6.06 7.60 -4.29
C LYS A 34 -6.20 6.13 -3.90
N ASP A 35 -7.44 5.66 -3.88
CA ASP A 35 -7.73 4.28 -3.49
C ASP A 35 -7.66 3.34 -4.67
N LEU A 36 -6.66 2.49 -4.61
CA LEU A 36 -6.43 1.47 -5.62
C LEU A 36 -5.88 0.25 -4.90
N LYS A 37 -6.70 -0.79 -4.83
CA LYS A 37 -6.31 -2.00 -4.13
C LYS A 37 -5.50 -2.94 -5.00
N LEU A 38 -4.39 -3.43 -4.45
CA LEU A 38 -3.53 -4.37 -5.14
C LEU A 38 -3.73 -5.78 -4.60
N VAL A 39 -3.63 -6.76 -5.49
CA VAL A 39 -3.77 -8.16 -5.10
C VAL A 39 -2.44 -8.67 -4.55
N VAL A 40 -2.41 -8.95 -3.25
CA VAL A 40 -1.19 -9.41 -2.61
C VAL A 40 -1.40 -10.77 -1.95
N ARG A 41 -0.30 -11.38 -1.55
CA ARG A 41 -0.35 -12.68 -0.91
C ARG A 41 0.84 -12.85 0.04
N SER A 42 0.56 -12.69 1.34
CA SER A 42 1.53 -12.82 2.45
C SER A 42 2.99 -12.49 2.07
N THR A 43 3.48 -13.02 0.96
CA THR A 43 4.84 -12.74 0.53
C THR A 43 4.97 -11.33 -0.04
N ASP A 44 3.83 -10.71 -0.31
CA ASP A 44 3.81 -9.36 -0.86
C ASP A 44 4.03 -8.31 0.25
N THR A 45 3.00 -8.08 1.05
CA THR A 45 3.07 -7.11 2.15
C THR A 45 3.44 -5.72 1.66
N VAL A 46 3.10 -4.72 2.45
CA VAL A 46 3.37 -3.31 2.14
C VAL A 46 4.62 -3.10 1.28
N PHE A 47 5.63 -3.97 1.43
CA PHE A 47 6.84 -3.87 0.63
C PHE A 47 6.50 -4.14 -0.83
N HIS A 48 6.17 -5.40 -1.15
CA HIS A 48 5.78 -5.72 -2.51
C HIS A 48 4.60 -4.84 -2.85
N MET A 49 3.69 -4.70 -1.88
CA MET A 49 2.56 -3.81 -2.03
C MET A 49 3.06 -2.50 -2.61
N LYS A 50 4.13 -2.00 -1.98
CA LYS A 50 4.79 -0.78 -2.40
C LYS A 50 5.39 -0.98 -3.77
N ARG A 51 5.91 -2.19 -4.00
CA ARG A 51 6.49 -2.52 -5.29
C ARG A 51 5.54 -2.06 -6.39
N ARG A 52 4.26 -2.20 -6.11
CA ARG A 52 3.21 -1.79 -7.03
C ARG A 52 2.88 -0.33 -6.84
N LEU A 53 3.00 0.17 -5.60
CA LEU A 53 2.74 1.58 -5.34
C LEU A 53 3.50 2.41 -6.35
N HIS A 54 4.66 1.91 -6.77
CA HIS A 54 5.47 2.57 -7.77
C HIS A 54 5.09 2.07 -9.17
N ALA A 55 4.81 0.77 -9.27
CA ALA A 55 4.42 0.17 -10.54
C ALA A 55 2.96 0.45 -10.90
N ALA A 56 2.04 -0.06 -10.08
CA ALA A 56 0.61 0.13 -10.34
C ALA A 56 0.17 1.58 -10.21
N GLU A 57 0.62 2.26 -9.16
CA GLU A 57 0.23 3.65 -8.94
C GLU A 57 1.21 4.61 -9.61
N GLY A 58 2.50 4.46 -9.34
CA GLY A 58 3.49 5.34 -9.94
C GLY A 58 4.38 6.02 -8.92
N VAL A 59 4.21 5.68 -7.65
CA VAL A 59 5.02 6.27 -6.58
C VAL A 59 6.28 5.43 -6.35
N GLU A 60 7.34 5.78 -7.08
CA GLU A 60 8.61 5.06 -6.97
C GLU A 60 9.63 5.77 -6.05
N PRO A 61 9.69 7.12 -6.05
CA PRO A 61 10.65 7.85 -5.20
C PRO A 61 10.32 7.74 -3.72
N GLY A 62 10.72 8.74 -2.94
CA GLY A 62 10.45 8.73 -1.51
C GLY A 62 9.01 9.09 -1.19
N SER A 63 8.16 9.09 -2.21
CA SER A 63 6.74 9.42 -2.05
C SER A 63 5.93 8.19 -1.63
N GLN A 64 6.62 7.16 -1.15
CA GLN A 64 5.94 5.94 -0.73
C GLN A 64 5.93 5.79 0.78
N ARG A 65 5.16 6.65 1.46
CA ARG A 65 5.07 6.58 2.91
C ARG A 65 3.86 5.75 3.33
N TRP A 66 4.11 4.49 3.70
CA TRP A 66 3.05 3.57 4.09
C TRP A 66 2.46 3.94 5.45
N PHE A 67 1.13 4.01 5.52
CA PHE A 67 0.45 4.36 6.77
C PHE A 67 -0.92 3.71 6.86
N PHE A 68 -1.18 3.04 7.97
CA PHE A 68 -2.47 2.39 8.20
C PHE A 68 -3.05 2.79 9.55
N SER A 69 -4.27 3.33 9.54
CA SER A 69 -4.94 3.76 10.76
C SER A 69 -4.23 4.95 11.40
N GLY A 70 -3.22 5.49 10.73
CA GLY A 70 -2.49 6.62 11.27
C GLY A 70 -1.09 6.27 11.74
N ARG A 71 -0.65 5.06 11.43
CA ARG A 71 0.68 4.61 11.82
C ARG A 71 1.46 4.07 10.62
N PRO A 72 2.78 4.23 10.62
CA PRO A 72 3.63 3.76 9.51
C PRO A 72 3.71 2.24 9.45
N LEU A 73 3.34 1.67 8.31
CA LEU A 73 3.37 0.22 8.15
C LEU A 73 4.76 -0.29 7.79
N THR A 74 4.96 -1.59 7.98
CA THR A 74 6.25 -2.23 7.68
C THR A 74 6.12 -3.12 6.44
N ASP A 75 7.20 -3.85 6.14
CA ASP A 75 7.24 -4.73 4.98
C ASP A 75 6.76 -6.14 5.31
N LYS A 76 5.93 -6.26 6.34
CA LYS A 76 5.41 -7.56 6.76
C LYS A 76 4.00 -7.41 7.33
N MET A 77 3.26 -6.45 6.82
CA MET A 77 1.91 -6.19 7.29
C MET A 77 0.86 -7.12 6.67
N LYS A 78 0.99 -7.45 5.39
CA LYS A 78 -0.02 -8.27 4.73
C LYS A 78 -0.20 -9.61 5.44
N PHE A 79 0.84 -10.43 5.41
CA PHE A 79 0.80 -11.73 6.05
C PHE A 79 0.58 -11.60 7.56
N GLU A 80 0.77 -10.40 8.12
CA GLU A 80 0.62 -10.21 9.55
C GLU A 80 -0.81 -9.81 9.92
N GLU A 81 -1.54 -9.27 8.95
CA GLU A 81 -2.90 -8.84 9.18
C GLU A 81 -3.85 -9.98 8.83
N LEU A 82 -3.87 -10.31 7.54
CA LEU A 82 -4.70 -11.39 7.03
C LEU A 82 -6.18 -11.01 7.05
N LYS A 83 -6.50 -9.87 7.66
CA LYS A 83 -7.87 -9.41 7.76
C LYS A 83 -8.14 -8.27 6.78
N ILE A 84 -7.38 -8.25 5.69
CA ILE A 84 -7.52 -7.21 4.68
C ILE A 84 -8.14 -7.75 3.39
N PRO A 85 -9.38 -8.27 3.45
CA PRO A 85 -10.06 -8.80 2.27
C PRO A 85 -10.47 -7.69 1.30
N LYS A 86 -10.72 -6.51 1.85
CA LYS A 86 -11.12 -5.35 1.04
C LYS A 86 -11.38 -4.14 1.94
N ASP A 87 -11.95 -4.39 3.11
CA ASP A 87 -12.25 -3.32 4.06
C ASP A 87 -10.98 -2.60 4.51
N TYR A 88 -9.90 -3.35 4.70
CA TYR A 88 -8.65 -2.77 5.14
C TYR A 88 -7.96 -2.01 4.02
N VAL A 89 -7.58 -0.76 4.32
CA VAL A 89 -6.94 0.10 3.33
C VAL A 89 -5.75 0.84 3.94
N VAL A 90 -4.57 0.63 3.36
CA VAL A 90 -3.36 1.31 3.84
C VAL A 90 -3.19 2.63 3.12
N GLN A 91 -3.14 3.70 3.90
CA GLN A 91 -2.98 5.03 3.35
C GLN A 91 -1.51 5.39 3.18
N VAL A 92 -1.15 5.81 1.98
CA VAL A 92 0.23 6.19 1.69
C VAL A 92 0.36 7.70 1.57
N ILE A 93 1.60 8.18 1.53
CA ILE A 93 1.85 9.61 1.41
C ILE A 93 2.80 9.87 0.25
N VAL A 94 2.32 10.66 -0.70
CA VAL A 94 3.08 11.04 -1.88
C VAL A 94 2.82 12.50 -2.25
N SER A 95 3.80 13.35 -1.98
CA SER A 95 3.67 14.77 -2.28
C SER A 95 4.28 15.11 -3.63
N GLN A 96 4.33 14.13 -4.52
CA GLN A 96 4.89 14.33 -5.85
C GLN A 96 3.94 13.81 -6.92
N PRO A 97 2.96 14.64 -7.33
CA PRO A 97 1.98 14.27 -8.36
C PRO A 97 2.63 14.08 -9.73
N VAL A 98 3.57 14.96 -10.06
CA VAL A 98 4.26 14.90 -11.34
C VAL A 98 5.69 15.42 -11.22
N GLN A 99 6.25 15.34 -10.02
CA GLN A 99 7.61 15.80 -9.77
C GLN A 99 7.74 17.30 -10.06
N ASN A 100 8.72 17.94 -9.43
CA ASN A 100 8.95 19.36 -9.63
C ASN A 100 7.72 20.17 -9.24
N GLY A 21 -7.55 -19.12 -3.76
CA GLY A 21 -8.27 -19.27 -2.47
C GLY A 21 -7.59 -18.55 -1.32
N TYR A 22 -6.28 -18.76 -1.19
CA TYR A 22 -5.51 -18.13 -0.14
C TYR A 22 -4.83 -16.86 -0.63
N GLU A 23 -5.55 -16.08 -1.44
CA GLU A 23 -5.00 -14.84 -1.99
C GLU A 23 -5.25 -13.68 -1.04
N CYS A 24 -4.33 -12.71 -1.04
CA CYS A 24 -4.44 -11.55 -0.18
C CYS A 24 -4.55 -10.27 -1.02
N GLN A 25 -5.23 -9.27 -0.49
CA GLN A 25 -5.41 -8.01 -1.20
C GLN A 25 -5.58 -6.85 -0.22
N LEU A 26 -4.70 -5.86 -0.32
CA LEU A 26 -4.76 -4.69 0.56
C LEU A 26 -5.20 -3.45 -0.21
N ARG A 27 -6.01 -2.62 0.44
CA ARG A 27 -6.50 -1.41 -0.20
C ARG A 27 -5.61 -0.21 0.14
N LEU A 28 -5.42 0.67 -0.83
CA LEU A 28 -4.61 1.87 -0.63
C LEU A 28 -5.43 3.13 -0.87
N ARG A 29 -5.09 4.18 -0.15
CA ARG A 29 -5.76 5.47 -0.30
C ARG A 29 -4.72 6.57 -0.46
N LEU A 30 -4.49 6.99 -1.70
CA LEU A 30 -3.45 7.99 -1.97
C LEU A 30 -3.95 9.41 -1.74
N SER A 31 -3.05 10.21 -1.16
CA SER A 31 -3.32 11.60 -0.81
C SER A 31 -3.81 12.41 -2.00
N THR A 32 -3.44 11.98 -3.20
CA THR A 32 -3.86 12.68 -4.40
C THR A 32 -5.28 12.26 -4.77
N GLY A 33 -5.80 11.29 -4.03
CA GLY A 33 -7.13 10.79 -4.28
C GLY A 33 -7.05 9.55 -5.11
N LYS A 34 -6.07 8.71 -4.78
CA LYS A 34 -5.84 7.49 -5.51
C LYS A 34 -5.96 6.28 -4.61
N ASP A 35 -7.18 5.74 -4.54
CA ASP A 35 -7.47 4.59 -3.71
C ASP A 35 -7.65 3.35 -4.59
N LEU A 36 -6.72 2.43 -4.46
CA LEU A 36 -6.75 1.19 -5.24
C LEU A 36 -6.17 0.05 -4.44
N LYS A 37 -6.82 -1.10 -4.51
CA LYS A 37 -6.37 -2.28 -3.79
C LYS A 37 -5.55 -3.19 -4.68
N LEU A 38 -4.33 -3.49 -4.24
CA LEU A 38 -3.42 -4.34 -4.98
C LEU A 38 -3.40 -5.75 -4.39
N VAL A 39 -3.34 -6.75 -5.28
CA VAL A 39 -3.31 -8.15 -4.85
C VAL A 39 -1.94 -8.52 -4.28
N VAL A 40 -1.95 -8.93 -3.02
CA VAL A 40 -0.72 -9.32 -2.33
C VAL A 40 -0.78 -10.78 -1.88
N ARG A 41 0.35 -11.31 -1.43
CA ARG A 41 0.40 -12.70 -1.00
C ARG A 41 1.60 -12.95 -0.07
N SER A 42 1.33 -12.93 1.24
CA SER A 42 2.32 -13.18 2.29
C SER A 42 3.68 -12.51 2.07
N THR A 43 4.23 -12.65 0.87
CA THR A 43 5.52 -12.04 0.56
C THR A 43 5.32 -10.72 -0.17
N ASP A 44 4.08 -10.40 -0.49
CA ASP A 44 3.77 -9.16 -1.20
C ASP A 44 3.33 -8.06 -0.23
N THR A 45 3.84 -8.13 1.00
CA THR A 45 3.54 -7.15 2.05
C THR A 45 3.67 -5.72 1.54
N VAL A 46 3.24 -4.75 2.35
CA VAL A 46 3.31 -3.33 2.00
C VAL A 46 4.57 -3.00 1.17
N PHE A 47 5.63 -3.77 1.37
CA PHE A 47 6.88 -3.56 0.62
C PHE A 47 6.63 -3.82 -0.86
N HIS A 48 6.16 -5.03 -1.17
CA HIS A 48 5.83 -5.35 -2.53
C HIS A 48 4.55 -4.62 -2.89
N MET A 49 3.64 -4.59 -1.93
CA MET A 49 2.38 -3.90 -2.07
C MET A 49 2.65 -2.52 -2.66
N LYS A 50 3.65 -1.85 -2.07
CA LYS A 50 4.06 -0.54 -2.53
C LYS A 50 4.83 -0.69 -3.83
N ARG A 51 5.54 -1.82 -3.97
CA ARG A 51 6.28 -2.09 -5.18
C ARG A 51 5.35 -1.96 -6.38
N ARG A 52 4.29 -2.78 -6.37
CA ARG A 52 3.29 -2.75 -7.42
C ARG A 52 2.42 -1.51 -7.28
N LEU A 53 2.46 -0.87 -6.11
CA LEU A 53 1.68 0.36 -5.89
C LEU A 53 2.12 1.41 -6.91
N HIS A 54 3.43 1.58 -7.05
CA HIS A 54 3.99 2.52 -8.01
C HIS A 54 3.81 1.97 -9.42
N ALA A 55 4.12 0.69 -9.60
CA ALA A 55 4.00 0.04 -10.90
C ALA A 55 2.57 0.13 -11.44
N ALA A 56 1.58 -0.01 -10.56
CA ALA A 56 0.19 0.04 -10.96
C ALA A 56 -0.37 1.47 -10.91
N GLU A 57 -0.11 2.16 -9.81
CA GLU A 57 -0.60 3.53 -9.64
C GLU A 57 0.40 4.55 -10.17
N GLY A 58 1.60 4.55 -9.59
CA GLY A 58 2.62 5.48 -10.02
C GLY A 58 3.37 6.10 -8.85
N VAL A 59 2.91 5.85 -7.63
CA VAL A 59 3.55 6.39 -6.45
C VAL A 59 4.64 5.45 -5.93
N GLU A 60 5.87 5.92 -5.96
CA GLU A 60 7.03 5.14 -5.51
C GLU A 60 7.38 5.46 -4.05
N PRO A 61 8.28 4.65 -3.44
CA PRO A 61 8.71 4.82 -2.04
C PRO A 61 8.73 6.28 -1.59
N GLY A 62 9.40 7.14 -2.36
CA GLY A 62 9.48 8.54 -2.00
C GLY A 62 8.10 9.16 -1.77
N SER A 63 7.16 8.80 -2.63
CA SER A 63 5.79 9.30 -2.54
C SER A 63 4.87 8.27 -1.88
N GLN A 64 5.41 7.12 -1.50
CA GLN A 64 4.62 6.07 -0.87
C GLN A 64 4.74 6.12 0.65
N ARG A 65 4.17 7.15 1.26
CA ARG A 65 4.21 7.28 2.71
C ARG A 65 3.12 6.41 3.32
N TRP A 66 3.51 5.20 3.73
CA TRP A 66 2.56 4.25 4.31
C TRP A 66 2.08 4.69 5.69
N PHE A 67 0.78 4.66 5.90
CA PHE A 67 0.19 5.06 7.17
C PHE A 67 -1.09 4.30 7.47
N PHE A 68 -1.02 3.42 8.47
CA PHE A 68 -2.17 2.63 8.88
C PHE A 68 -2.67 3.08 10.25
N SER A 69 -3.95 3.42 10.32
CA SER A 69 -4.55 3.88 11.58
C SER A 69 -3.89 5.16 12.07
N GLY A 70 -3.09 5.79 11.22
CA GLY A 70 -2.42 7.03 11.60
C GLY A 70 -1.01 6.80 12.09
N ARG A 71 -0.41 5.70 11.68
CA ARG A 71 0.96 5.37 12.07
C ARG A 71 1.75 4.88 10.86
N PRO A 72 3.09 4.99 10.91
CA PRO A 72 3.94 4.55 9.80
C PRO A 72 3.94 3.04 9.64
N LEU A 73 3.34 2.57 8.56
CA LEU A 73 3.24 1.13 8.31
C LEU A 73 4.58 0.54 7.89
N THR A 74 4.75 -0.76 8.15
CA THR A 74 5.98 -1.46 7.79
C THR A 74 5.89 -2.01 6.36
N ASP A 75 7.03 -2.43 5.83
CA ASP A 75 7.09 -2.97 4.48
C ASP A 75 6.74 -4.46 4.47
N LYS A 76 6.62 -5.05 5.66
CA LYS A 76 6.28 -6.47 5.80
C LYS A 76 5.02 -6.62 6.66
N MET A 77 4.01 -5.83 6.35
CA MET A 77 2.76 -5.83 7.11
C MET A 77 1.68 -6.79 6.59
N LYS A 78 1.69 -7.14 5.31
CA LYS A 78 0.61 -8.01 4.80
C LYS A 78 0.54 -9.30 5.57
N PHE A 79 1.53 -10.17 5.39
CA PHE A 79 1.57 -11.43 6.09
C PHE A 79 1.62 -11.23 7.62
N GLU A 80 1.88 -9.99 8.06
CA GLU A 80 1.99 -9.71 9.48
C GLU A 80 0.64 -9.31 10.07
N GLU A 81 -0.24 -8.78 9.24
CA GLU A 81 -1.56 -8.35 9.69
C GLU A 81 -2.55 -9.49 9.52
N LEU A 82 -2.74 -9.87 8.26
CA LEU A 82 -3.66 -10.96 7.92
C LEU A 82 -5.11 -10.57 8.15
N LYS A 83 -5.33 -9.36 8.68
CA LYS A 83 -6.68 -8.88 8.94
C LYS A 83 -7.11 -7.87 7.90
N ILE A 84 -6.45 -7.89 6.74
CA ILE A 84 -6.75 -6.97 5.67
C ILE A 84 -7.14 -7.70 4.37
N PRO A 85 -8.04 -8.71 4.46
CA PRO A 85 -8.47 -9.47 3.28
C PRO A 85 -8.83 -8.56 2.10
N LYS A 86 -9.87 -7.75 2.28
CA LYS A 86 -10.31 -6.82 1.24
C LYS A 86 -11.13 -5.67 1.81
N ASP A 87 -11.05 -5.48 3.12
CA ASP A 87 -11.79 -4.40 3.78
C ASP A 87 -10.85 -3.35 4.36
N TYR A 88 -9.66 -3.78 4.77
CA TYR A 88 -8.67 -2.89 5.34
C TYR A 88 -7.94 -2.11 4.25
N VAL A 89 -7.63 -0.85 4.55
CA VAL A 89 -6.96 0.02 3.60
C VAL A 89 -5.84 0.82 4.25
N VAL A 90 -4.64 0.73 3.67
CA VAL A 90 -3.50 1.48 4.19
C VAL A 90 -3.51 2.88 3.61
N GLN A 91 -3.11 3.84 4.43
CA GLN A 91 -3.08 5.23 4.00
C GLN A 91 -1.73 5.53 3.38
N VAL A 92 -1.74 6.39 2.39
CA VAL A 92 -0.52 6.75 1.69
C VAL A 92 -0.43 8.25 1.44
N ILE A 93 0.80 8.78 1.50
CA ILE A 93 1.02 10.20 1.27
C ILE A 93 2.00 10.39 0.13
N VAL A 94 1.54 11.08 -0.90
CA VAL A 94 2.35 11.37 -2.07
C VAL A 94 2.35 12.86 -2.39
N SER A 95 3.42 13.54 -1.99
CA SER A 95 3.55 14.97 -2.21
C SER A 95 4.72 15.27 -3.15
N GLN A 96 4.98 14.34 -4.07
CA GLN A 96 6.07 14.50 -5.03
C GLN A 96 5.56 14.36 -6.47
N PRO A 97 4.49 15.08 -6.83
CA PRO A 97 3.92 15.02 -8.17
C PRO A 97 4.72 15.81 -9.20
N VAL A 98 5.51 16.77 -8.71
CA VAL A 98 6.33 17.61 -9.59
C VAL A 98 7.74 17.04 -9.75
N GLN A 99 8.28 16.49 -8.66
CA GLN A 99 9.63 15.93 -8.70
C GLN A 99 9.63 14.48 -8.24
N ASN A 100 10.35 13.63 -8.97
CA ASN A 100 10.43 12.21 -8.63
C ASN A 100 9.04 11.58 -8.53
N GLY A 21 -0.23 -21.50 -0.95
CA GLY A 21 -1.68 -21.23 -1.14
C GLY A 21 -2.18 -20.12 -0.24
N TYR A 22 -2.09 -18.88 -0.71
CA TYR A 22 -2.53 -17.73 0.07
C TYR A 22 -3.05 -16.63 -0.85
N GLU A 23 -4.18 -16.03 -0.46
CA GLU A 23 -4.78 -14.95 -1.25
C GLU A 23 -5.08 -13.75 -0.36
N CYS A 24 -4.54 -12.59 -0.74
CA CYS A 24 -4.74 -11.37 0.03
C CYS A 24 -4.94 -10.17 -0.89
N GLN A 25 -5.73 -9.20 -0.43
CA GLN A 25 -6.01 -8.00 -1.21
C GLN A 25 -6.25 -6.82 -0.27
N LEU A 26 -5.38 -5.81 -0.36
CA LEU A 26 -5.49 -4.64 0.51
C LEU A 26 -5.88 -3.39 -0.26
N ARG A 27 -6.73 -2.56 0.34
CA ARG A 27 -7.16 -1.32 -0.30
C ARG A 27 -6.15 -0.22 -0.06
N LEU A 28 -5.89 0.58 -1.09
CA LEU A 28 -4.92 1.67 -0.99
C LEU A 28 -5.56 3.04 -1.18
N ARG A 29 -5.61 3.85 -0.13
CA ARG A 29 -6.16 5.19 -0.21
C ARG A 29 -5.03 6.17 -0.51
N LEU A 30 -4.87 6.55 -1.78
CA LEU A 30 -3.78 7.44 -2.18
C LEU A 30 -4.19 8.88 -2.37
N SER A 31 -3.16 9.74 -2.44
CA SER A 31 -3.33 11.19 -2.62
C SER A 31 -4.20 11.77 -1.52
N THR A 32 -5.38 11.20 -1.38
CA THR A 32 -6.34 11.63 -0.38
C THR A 32 -7.69 10.95 -0.62
N GLY A 33 -7.66 9.74 -1.20
CA GLY A 33 -8.89 9.04 -1.48
C GLY A 33 -8.85 8.21 -2.74
N LYS A 34 -7.65 7.86 -3.20
CA LYS A 34 -7.53 7.07 -4.41
C LYS A 34 -7.52 5.59 -4.02
N ASP A 35 -8.71 5.08 -3.72
CA ASP A 35 -8.86 3.71 -3.29
C ASP A 35 -8.77 2.73 -4.44
N LEU A 36 -7.74 1.93 -4.37
CA LEU A 36 -7.46 0.90 -5.34
C LEU A 36 -6.83 -0.27 -4.60
N LYS A 37 -7.54 -1.38 -4.54
CA LYS A 37 -7.04 -2.53 -3.82
C LYS A 37 -6.13 -3.39 -4.69
N LEU A 38 -4.88 -3.50 -4.27
CA LEU A 38 -3.90 -4.30 -4.98
C LEU A 38 -3.83 -5.70 -4.38
N VAL A 39 -3.79 -6.71 -5.23
CA VAL A 39 -3.73 -8.10 -4.79
C VAL A 39 -2.34 -8.43 -4.26
N VAL A 40 -2.29 -8.92 -3.03
CA VAL A 40 -1.03 -9.29 -2.39
C VAL A 40 -1.13 -10.68 -1.79
N ARG A 41 0.02 -11.25 -1.43
CA ARG A 41 0.06 -12.58 -0.84
C ARG A 41 1.27 -12.73 0.07
N SER A 42 1.05 -12.53 1.37
CA SER A 42 2.07 -12.65 2.43
C SER A 42 3.50 -12.29 1.98
N THR A 43 3.94 -12.83 0.86
CA THR A 43 5.27 -12.52 0.35
C THR A 43 5.30 -11.15 -0.31
N ASP A 44 4.12 -10.54 -0.45
CA ASP A 44 4.01 -9.23 -1.07
C ASP A 44 4.16 -8.13 -0.01
N THR A 45 3.11 -7.90 0.75
CA THR A 45 3.13 -6.88 1.80
C THR A 45 3.42 -5.51 1.23
N VAL A 46 2.98 -4.47 1.94
CA VAL A 46 3.16 -3.07 1.53
C VAL A 46 4.40 -2.86 0.64
N PHE A 47 5.46 -3.63 0.85
CA PHE A 47 6.67 -3.52 0.04
C PHE A 47 6.34 -3.88 -1.40
N HIS A 48 5.96 -5.13 -1.62
CA HIS A 48 5.57 -5.54 -2.94
C HIS A 48 4.28 -4.82 -3.29
N MET A 49 3.41 -4.69 -2.30
CA MET A 49 2.18 -3.95 -2.48
C MET A 49 2.52 -2.59 -3.06
N LYS A 50 3.65 -2.06 -2.59
CA LYS A 50 4.15 -0.79 -3.07
C LYS A 50 4.72 -1.00 -4.45
N ARG A 51 5.38 -2.14 -4.63
CA ARG A 51 5.96 -2.49 -5.91
C ARG A 51 4.89 -2.37 -7.00
N ARG A 52 3.85 -3.18 -6.85
CA ARG A 52 2.75 -3.18 -7.79
C ARG A 52 2.00 -1.85 -7.74
N LEU A 53 2.12 -1.13 -6.63
CA LEU A 53 1.47 0.17 -6.50
C LEU A 53 2.03 1.12 -7.57
N HIS A 54 3.34 1.34 -7.53
CA HIS A 54 3.99 2.18 -8.54
C HIS A 54 3.59 1.69 -9.92
N ALA A 55 3.49 0.38 -10.06
CA ALA A 55 3.12 -0.23 -11.34
C ALA A 55 1.63 -0.04 -11.63
N ALA A 56 0.80 0.04 -10.59
CA ALA A 56 -0.64 0.21 -10.78
C ALA A 56 -1.05 1.68 -10.84
N GLU A 57 -0.67 2.45 -9.83
CA GLU A 57 -1.03 3.86 -9.76
C GLU A 57 0.03 4.73 -10.43
N GLY A 58 1.29 4.46 -10.14
CA GLY A 58 2.38 5.24 -10.71
C GLY A 58 3.22 5.90 -9.64
N VAL A 59 2.92 5.58 -8.38
CA VAL A 59 3.64 6.13 -7.26
C VAL A 59 4.83 5.24 -6.89
N GLU A 60 6.03 5.72 -7.19
CA GLU A 60 7.26 4.99 -6.92
C GLU A 60 7.52 4.91 -5.41
N PRO A 61 8.41 3.99 -4.98
CA PRO A 61 8.74 3.80 -3.56
C PRO A 61 8.87 5.11 -2.80
N GLY A 62 9.76 5.99 -3.27
CA GLY A 62 9.94 7.28 -2.61
C GLY A 62 8.65 8.04 -2.46
N SER A 63 7.85 8.05 -3.52
CA SER A 63 6.56 8.74 -3.53
C SER A 63 5.48 7.89 -2.86
N GLN A 64 5.85 6.68 -2.43
CA GLN A 64 4.91 5.77 -1.79
C GLN A 64 4.99 5.84 -0.27
N ARG A 65 4.37 6.87 0.32
CA ARG A 65 4.35 7.02 1.77
C ARG A 65 3.11 6.36 2.35
N TRP A 66 3.28 5.19 2.96
CA TRP A 66 2.17 4.43 3.52
C TRP A 66 1.74 4.96 4.88
N PHE A 67 0.41 5.02 5.07
CA PHE A 67 -0.17 5.50 6.32
C PHE A 67 -1.54 4.86 6.58
N PHE A 68 -1.68 4.19 7.70
CA PHE A 68 -2.94 3.55 8.07
C PHE A 68 -3.47 4.12 9.39
N SER A 69 -4.69 4.66 9.34
CA SER A 69 -5.32 5.23 10.53
C SER A 69 -4.55 6.45 11.04
N GLY A 70 -3.59 6.93 10.25
CA GLY A 70 -2.81 8.08 10.65
C GLY A 70 -1.41 7.73 11.12
N ARG A 71 -0.99 6.50 10.87
CA ARG A 71 0.33 6.04 11.27
C ARG A 71 1.08 5.45 10.07
N PRO A 72 2.40 5.65 9.99
CA PRO A 72 3.21 5.14 8.88
C PRO A 72 3.33 3.62 8.92
N LEU A 73 2.88 2.97 7.86
CA LEU A 73 2.93 1.50 7.79
C LEU A 73 4.25 1.02 7.19
N THR A 74 4.67 -0.17 7.60
CA THR A 74 5.91 -0.76 7.12
C THR A 74 5.71 -1.40 5.75
N ASP A 75 6.80 -1.90 5.18
CA ASP A 75 6.76 -2.53 3.87
C ASP A 75 6.49 -4.03 3.99
N LYS A 76 6.15 -4.47 5.20
CA LYS A 76 5.85 -5.88 5.48
C LYS A 76 4.60 -5.97 6.35
N MET A 77 3.59 -5.21 5.99
CA MET A 77 2.33 -5.15 6.75
C MET A 77 1.28 -6.17 6.33
N LYS A 78 1.30 -6.64 5.08
CA LYS A 78 0.25 -7.56 4.62
C LYS A 78 0.18 -8.80 5.51
N PHE A 79 1.18 -9.65 5.41
CA PHE A 79 1.22 -10.86 6.22
C PHE A 79 1.31 -10.54 7.73
N GLU A 80 1.53 -9.26 8.07
CA GLU A 80 1.67 -8.87 9.47
C GLU A 80 0.32 -8.59 10.12
N GLU A 81 -0.64 -8.10 9.35
CA GLU A 81 -1.94 -7.77 9.87
C GLU A 81 -2.85 -8.97 9.72
N LEU A 82 -2.92 -9.46 8.48
CA LEU A 82 -3.70 -10.63 8.11
C LEU A 82 -5.17 -10.30 7.97
N LYS A 83 -5.66 -9.40 8.81
CA LYS A 83 -7.05 -8.98 8.75
C LYS A 83 -7.18 -7.72 7.91
N ILE A 84 -6.06 -7.30 7.32
CA ILE A 84 -5.99 -6.11 6.49
C ILE A 84 -6.41 -6.39 5.04
N PRO A 85 -6.31 -7.65 4.56
CA PRO A 85 -6.67 -7.99 3.18
C PRO A 85 -8.16 -8.29 3.02
N LYS A 86 -9.01 -7.41 3.53
CA LYS A 86 -10.44 -7.59 3.43
C LYS A 86 -11.17 -6.26 3.43
N ASP A 87 -11.35 -5.67 4.61
CA ASP A 87 -12.02 -4.38 4.73
C ASP A 87 -11.06 -3.29 5.22
N TYR A 88 -9.76 -3.57 5.16
CA TYR A 88 -8.77 -2.60 5.60
C TYR A 88 -8.11 -1.90 4.41
N VAL A 89 -7.74 -0.64 4.61
CA VAL A 89 -7.12 0.16 3.56
C VAL A 89 -5.95 0.98 4.10
N VAL A 90 -4.81 0.90 3.41
CA VAL A 90 -3.64 1.67 3.81
C VAL A 90 -3.60 2.98 3.04
N GLN A 91 -3.69 4.09 3.76
CA GLN A 91 -3.70 5.40 3.12
C GLN A 91 -2.29 5.84 2.78
N VAL A 92 -2.04 6.03 1.49
CA VAL A 92 -0.74 6.45 1.02
C VAL A 92 -0.75 7.91 0.58
N ILE A 93 0.44 8.46 0.33
CA ILE A 93 0.57 9.84 -0.10
C ILE A 93 1.85 10.05 -0.89
N VAL A 94 1.73 10.78 -1.98
CA VAL A 94 2.86 11.09 -2.86
C VAL A 94 3.02 12.60 -3.01
N SER A 95 3.91 13.17 -2.21
CA SER A 95 4.16 14.61 -2.26
C SER A 95 5.58 14.89 -2.72
N GLN A 96 6.11 14.00 -3.58
CA GLN A 96 7.45 14.16 -4.11
C GLN A 96 7.53 13.68 -5.56
N PRO A 97 6.84 14.39 -6.47
CA PRO A 97 6.83 14.03 -7.89
C PRO A 97 8.18 14.30 -8.55
N VAL A 98 8.94 15.24 -8.00
CA VAL A 98 10.25 15.58 -8.53
C VAL A 98 11.24 15.84 -7.40
N GLN A 99 10.82 16.64 -6.42
CA GLN A 99 11.67 16.96 -5.29
C GLN A 99 11.22 16.21 -4.03
N ASN A 100 12.17 15.68 -3.29
CA ASN A 100 11.88 14.94 -2.07
C ASN A 100 11.43 15.89 -0.95
N GLY A 21 -7.47 -10.34 -6.06
CA GLY A 21 -6.36 -11.19 -5.56
C GLY A 21 -6.73 -12.67 -5.49
N TYR A 22 -6.07 -13.41 -4.62
CA TYR A 22 -6.34 -14.83 -4.46
C TYR A 22 -6.11 -15.27 -3.02
N GLU A 23 -4.97 -14.87 -2.45
CA GLU A 23 -4.63 -15.22 -1.08
C GLU A 23 -4.87 -14.03 -0.14
N CYS A 24 -4.06 -12.99 -0.30
CA CYS A 24 -4.20 -11.79 0.53
C CYS A 24 -4.42 -10.57 -0.35
N GLN A 25 -4.95 -9.50 0.24
CA GLN A 25 -5.22 -8.27 -0.51
C GLN A 25 -5.54 -7.13 0.44
N LEU A 26 -4.89 -6.00 0.22
CA LEU A 26 -5.09 -4.81 1.06
C LEU A 26 -5.48 -3.60 0.21
N ARG A 27 -6.42 -2.80 0.73
CA ARG A 27 -6.90 -1.62 0.02
C ARG A 27 -5.96 -0.43 0.24
N LEU A 28 -5.74 0.35 -0.83
CA LEU A 28 -4.85 1.51 -0.76
C LEU A 28 -5.61 2.80 -1.05
N ARG A 29 -5.79 3.64 -0.03
CA ARG A 29 -6.48 4.91 -0.22
C ARG A 29 -5.48 5.99 -0.62
N LEU A 30 -5.40 6.29 -1.92
CA LEU A 30 -4.44 7.27 -2.41
C LEU A 30 -4.94 8.70 -2.31
N SER A 31 -4.01 9.61 -2.04
CA SER A 31 -4.29 11.03 -1.88
C SER A 31 -5.11 11.59 -3.04
N THR A 32 -5.06 10.91 -4.19
CA THR A 32 -5.82 11.35 -5.35
C THR A 32 -7.16 10.64 -5.39
N GLY A 33 -7.59 10.14 -4.24
CA GLY A 33 -8.85 9.42 -4.17
C GLY A 33 -8.73 8.11 -4.90
N LYS A 34 -7.57 7.48 -4.75
CA LYS A 34 -7.31 6.23 -5.43
C LYS A 34 -7.26 5.07 -4.44
N ASP A 35 -8.41 4.48 -4.18
CA ASP A 35 -8.54 3.35 -3.28
C ASP A 35 -8.63 2.05 -4.07
N LEU A 36 -7.52 1.36 -4.20
CA LEU A 36 -7.46 0.11 -4.93
C LEU A 36 -6.80 -0.96 -4.09
N LYS A 37 -7.52 -2.06 -3.89
CA LYS A 37 -7.01 -3.16 -3.09
C LYS A 37 -6.11 -4.06 -3.94
N LEU A 38 -4.81 -3.90 -3.74
CA LEU A 38 -3.82 -4.66 -4.48
C LEU A 38 -3.64 -6.06 -3.87
N VAL A 39 -3.51 -7.05 -4.74
CA VAL A 39 -3.32 -8.43 -4.29
C VAL A 39 -1.93 -8.60 -3.68
N VAL A 40 -1.85 -9.43 -2.64
CA VAL A 40 -0.59 -9.67 -1.95
C VAL A 40 -0.56 -11.06 -1.34
N ARG A 41 0.62 -11.50 -0.90
CA ARG A 41 0.76 -12.82 -0.30
C ARG A 41 1.96 -12.87 0.64
N SER A 42 1.70 -12.66 1.94
CA SER A 42 2.71 -12.69 3.01
C SER A 42 4.10 -12.17 2.61
N THR A 43 4.63 -12.62 1.48
CA THR A 43 5.92 -12.16 1.02
C THR A 43 5.81 -10.76 0.41
N ASP A 44 4.58 -10.36 0.10
CA ASP A 44 4.33 -9.05 -0.48
C ASP A 44 4.45 -7.95 0.56
N THR A 45 3.42 -7.80 1.39
CA THR A 45 3.43 -6.78 2.44
C THR A 45 3.59 -5.38 1.86
N VAL A 46 3.14 -4.37 2.60
CA VAL A 46 3.22 -2.96 2.18
C VAL A 46 4.37 -2.67 1.22
N PHE A 47 5.49 -3.37 1.38
CA PHE A 47 6.65 -3.17 0.49
C PHE A 47 6.26 -3.56 -0.92
N HIS A 48 6.06 -4.84 -1.15
CA HIS A 48 5.63 -5.30 -2.46
C HIS A 48 4.32 -4.63 -2.76
N MET A 49 3.46 -4.56 -1.73
CA MET A 49 2.19 -3.87 -1.86
C MET A 49 2.46 -2.52 -2.50
N LYS A 50 3.56 -1.91 -2.05
CA LYS A 50 4.02 -0.63 -2.56
C LYS A 50 4.63 -0.82 -3.94
N ARG A 51 5.28 -1.97 -4.13
CA ARG A 51 5.89 -2.30 -5.41
C ARG A 51 4.86 -2.18 -6.51
N ARG A 52 3.75 -2.87 -6.33
CA ARG A 52 2.66 -2.83 -7.28
C ARG A 52 1.84 -1.57 -7.08
N LEU A 53 2.02 -0.91 -5.94
CA LEU A 53 1.34 0.34 -5.67
C LEU A 53 1.74 1.37 -6.72
N HIS A 54 3.00 1.29 -7.14
CA HIS A 54 3.52 2.18 -8.16
C HIS A 54 3.19 1.63 -9.54
N ALA A 55 3.36 0.32 -9.69
CA ALA A 55 3.07 -0.36 -10.95
C ALA A 55 1.62 -0.12 -11.40
N ALA A 56 0.68 -0.31 -10.48
CA ALA A 56 -0.73 -0.13 -10.80
C ALA A 56 -1.16 1.34 -10.74
N GLU A 57 -0.71 2.05 -9.71
CA GLU A 57 -1.08 3.46 -9.55
C GLU A 57 -0.08 4.37 -10.25
N GLY A 58 1.18 4.31 -9.83
CA GLY A 58 2.21 5.14 -10.43
C GLY A 58 3.14 5.78 -9.42
N VAL A 59 2.91 5.49 -8.13
CA VAL A 59 3.75 6.04 -7.08
C VAL A 59 4.93 5.12 -6.79
N GLU A 60 6.02 5.31 -7.54
CA GLU A 60 7.22 4.50 -7.37
C GLU A 60 8.29 5.22 -6.54
N PRO A 61 8.56 6.51 -6.83
CA PRO A 61 9.58 7.28 -6.09
C PRO A 61 9.25 7.38 -4.61
N GLY A 62 9.74 8.44 -3.96
CA GLY A 62 9.47 8.62 -2.54
C GLY A 62 8.02 9.01 -2.26
N SER A 63 7.23 9.13 -3.31
CA SER A 63 5.81 9.48 -3.19
C SER A 63 5.02 8.40 -2.46
N GLN A 64 5.63 7.25 -2.22
CA GLN A 64 4.96 6.15 -1.54
C GLN A 64 5.00 6.30 -0.03
N ARG A 65 4.04 7.04 0.52
CA ARG A 65 3.96 7.24 1.96
C ARG A 65 2.83 6.39 2.54
N TRP A 66 3.20 5.22 3.08
CA TRP A 66 2.22 4.29 3.65
C TRP A 66 1.93 4.62 5.10
N PHE A 67 0.64 4.62 5.45
CA PHE A 67 0.21 4.93 6.81
C PHE A 67 -1.11 4.25 7.15
N PHE A 68 -1.13 3.50 8.23
CA PHE A 68 -2.33 2.81 8.68
C PHE A 68 -2.64 3.17 10.12
N SER A 69 -3.89 3.52 10.39
CA SER A 69 -4.31 3.91 11.73
C SER A 69 -3.64 5.21 12.16
N GLY A 70 -2.92 5.85 11.24
CA GLY A 70 -2.25 7.09 11.53
C GLY A 70 -0.75 6.94 11.72
N ARG A 71 -0.26 5.71 11.61
CA ARG A 71 1.17 5.43 11.76
C ARG A 71 1.76 4.92 10.45
N PRO A 72 3.04 5.19 10.19
CA PRO A 72 3.71 4.75 8.97
C PRO A 72 3.92 3.24 8.94
N LEU A 73 3.34 2.59 7.95
CA LEU A 73 3.45 1.14 7.83
C LEU A 73 4.85 0.71 7.41
N THR A 74 5.16 -0.56 7.66
CA THR A 74 6.46 -1.12 7.33
C THR A 74 6.40 -1.96 6.07
N ASP A 75 7.52 -2.61 5.75
CA ASP A 75 7.65 -3.45 4.58
C ASP A 75 7.30 -4.90 4.91
N LYS A 76 6.49 -5.10 5.95
CA LYS A 76 6.10 -6.43 6.37
C LYS A 76 4.78 -6.38 7.14
N MET A 77 3.88 -5.51 6.70
CA MET A 77 2.59 -5.36 7.36
C MET A 77 1.57 -6.41 6.94
N LYS A 78 1.56 -6.81 5.67
CA LYS A 78 0.55 -7.76 5.21
C LYS A 78 0.66 -9.07 6.00
N PHE A 79 1.77 -9.77 5.85
CA PHE A 79 1.98 -11.03 6.57
C PHE A 79 1.85 -10.86 8.08
N GLU A 80 1.89 -9.61 8.57
CA GLU A 80 1.80 -9.36 10.01
C GLU A 80 0.36 -9.17 10.47
N GLU A 81 -0.51 -8.75 9.56
CA GLU A 81 -1.91 -8.52 9.89
C GLU A 81 -2.69 -9.79 9.63
N LEU A 82 -2.64 -10.22 8.37
CA LEU A 82 -3.31 -11.43 7.92
C LEU A 82 -4.81 -11.23 7.81
N LYS A 83 -5.33 -10.15 8.39
CA LYS A 83 -6.75 -9.86 8.33
C LYS A 83 -7.03 -8.79 7.29
N ILE A 84 -5.98 -8.37 6.58
CA ILE A 84 -6.12 -7.35 5.56
C ILE A 84 -6.97 -7.78 4.37
N PRO A 85 -7.05 -9.10 4.05
CA PRO A 85 -7.86 -9.58 2.93
C PRO A 85 -9.35 -9.44 3.19
N LYS A 86 -9.80 -8.20 3.40
CA LYS A 86 -11.22 -7.96 3.65
C LYS A 86 -11.57 -6.47 3.54
N ASP A 87 -11.46 -5.74 4.65
CA ASP A 87 -11.79 -4.30 4.65
C ASP A 87 -10.57 -3.43 4.91
N TYR A 88 -9.57 -3.98 5.58
CA TYR A 88 -8.35 -3.22 5.91
C TYR A 88 -7.86 -2.40 4.72
N VAL A 89 -7.47 -1.17 5.00
CA VAL A 89 -6.97 -0.26 3.96
C VAL A 89 -5.84 0.61 4.49
N VAL A 90 -4.70 0.60 3.80
CA VAL A 90 -3.57 1.40 4.21
C VAL A 90 -3.69 2.79 3.60
N GLN A 91 -3.50 3.81 4.43
CA GLN A 91 -3.61 5.17 3.96
C GLN A 91 -2.28 5.61 3.39
N VAL A 92 -2.32 6.10 2.17
CA VAL A 92 -1.12 6.51 1.47
C VAL A 92 -1.08 8.02 1.25
N ILE A 93 0.09 8.49 0.86
CA ILE A 93 0.30 9.90 0.56
C ILE A 93 1.37 10.04 -0.51
N VAL A 94 1.05 10.77 -1.56
CA VAL A 94 1.97 10.96 -2.68
C VAL A 94 2.04 12.43 -3.08
N SER A 95 3.12 13.10 -2.68
CA SER A 95 3.31 14.51 -2.99
C SER A 95 4.78 14.83 -3.21
N GLN A 96 5.42 14.07 -4.10
CA GLN A 96 6.84 14.28 -4.39
C GLN A 96 7.05 14.45 -5.90
N PRO A 97 6.53 15.57 -6.47
CA PRO A 97 6.67 15.85 -7.90
C PRO A 97 8.11 16.18 -8.29
N VAL A 98 8.74 17.04 -7.51
CA VAL A 98 10.12 17.44 -7.77
C VAL A 98 10.96 17.37 -6.50
N GLN A 99 10.84 16.26 -5.79
CA GLN A 99 11.59 16.05 -4.55
C GLN A 99 12.72 15.04 -4.75
N ASN A 100 12.67 14.30 -5.86
CA ASN A 100 13.68 13.30 -6.16
C ASN A 100 15.09 13.92 -6.14
N GLY A 21 -9.21 -15.66 -6.97
CA GLY A 21 -8.42 -14.95 -5.93
C GLY A 21 -6.95 -15.29 -5.97
N TYR A 22 -6.22 -14.90 -4.93
CA TYR A 22 -4.78 -15.17 -4.86
C TYR A 22 -4.40 -15.67 -3.46
N GLU A 23 -4.52 -14.78 -2.48
CA GLU A 23 -4.18 -15.13 -1.10
C GLU A 23 -4.48 -13.96 -0.17
N CYS A 24 -4.00 -12.78 -0.53
CA CYS A 24 -4.23 -11.58 0.28
C CYS A 24 -4.40 -10.36 -0.62
N GLN A 25 -5.11 -9.35 -0.12
CA GLN A 25 -5.35 -8.12 -0.89
C GLN A 25 -5.64 -6.97 0.07
N LEU A 26 -4.86 -5.90 -0.04
CA LEU A 26 -5.03 -4.74 0.83
C LEU A 26 -5.33 -3.47 0.05
N ARG A 27 -6.29 -2.69 0.53
CA ARG A 27 -6.68 -1.45 -0.13
C ARG A 27 -5.66 -0.34 0.17
N LEU A 28 -5.33 0.45 -0.85
CA LEU A 28 -4.38 1.55 -0.69
C LEU A 28 -5.04 2.89 -0.98
N ARG A 29 -5.36 3.64 0.06
CA ARG A 29 -5.99 4.94 -0.13
C ARG A 29 -4.92 6.00 -0.33
N LEU A 30 -4.68 6.34 -1.58
CA LEU A 30 -3.64 7.31 -1.91
C LEU A 30 -4.12 8.75 -1.72
N SER A 31 -3.20 9.55 -1.19
CA SER A 31 -3.47 10.96 -0.89
C SER A 31 -4.01 11.71 -2.10
N THR A 32 -3.69 11.24 -3.29
CA THR A 32 -4.16 11.88 -4.51
C THR A 32 -5.57 11.40 -4.84
N GLY A 33 -6.09 10.50 -4.02
CA GLY A 33 -7.41 9.96 -4.24
C GLY A 33 -7.32 8.68 -5.02
N LYS A 34 -6.29 7.89 -4.70
CA LYS A 34 -6.03 6.66 -5.40
C LYS A 34 -6.12 5.46 -4.44
N ASP A 35 -7.34 4.93 -4.31
CA ASP A 35 -7.60 3.80 -3.43
C ASP A 35 -7.80 2.54 -4.26
N LEU A 36 -6.78 1.69 -4.27
CA LEU A 36 -6.83 0.45 -5.03
C LEU A 36 -6.25 -0.69 -4.20
N LYS A 37 -7.03 -1.76 -4.08
CA LYS A 37 -6.60 -2.92 -3.33
C LYS A 37 -5.68 -3.79 -4.17
N LEU A 38 -4.39 -3.71 -3.86
CA LEU A 38 -3.38 -4.49 -4.58
C LEU A 38 -3.31 -5.91 -4.03
N VAL A 39 -3.24 -6.88 -4.93
CA VAL A 39 -3.16 -8.27 -4.55
C VAL A 39 -1.79 -8.60 -3.97
N VAL A 40 -1.79 -9.06 -2.71
CA VAL A 40 -0.55 -9.41 -2.03
C VAL A 40 -0.65 -10.80 -1.44
N ARG A 41 0.49 -11.34 -1.02
CA ARG A 41 0.54 -12.66 -0.42
C ARG A 41 1.69 -12.77 0.56
N SER A 42 1.37 -12.60 1.84
CA SER A 42 2.33 -12.69 2.96
C SER A 42 3.70 -12.07 2.68
N THR A 43 4.30 -12.39 1.53
CA THR A 43 5.60 -11.84 1.18
C THR A 43 5.45 -10.51 0.44
N ASP A 44 4.22 -10.19 0.03
CA ASP A 44 3.97 -8.94 -0.67
C ASP A 44 3.47 -7.86 0.29
N THR A 45 4.05 -7.82 1.49
CA THR A 45 3.68 -6.83 2.50
C THR A 45 3.85 -5.42 1.96
N VAL A 46 3.38 -4.44 2.73
CA VAL A 46 3.46 -3.01 2.38
C VAL A 46 4.64 -2.67 1.45
N PHE A 47 5.76 -3.37 1.62
CA PHE A 47 6.93 -3.12 0.77
C PHE A 47 6.57 -3.46 -0.67
N HIS A 48 6.36 -4.74 -0.92
CA HIS A 48 5.96 -5.18 -2.25
C HIS A 48 4.65 -4.51 -2.59
N MET A 49 3.77 -4.45 -1.57
CA MET A 49 2.49 -3.79 -1.72
C MET A 49 2.74 -2.43 -2.36
N LYS A 50 3.76 -1.76 -1.86
CA LYS A 50 4.17 -0.47 -2.37
C LYS A 50 4.86 -0.66 -3.70
N ARG A 51 5.59 -1.78 -3.83
CA ARG A 51 6.28 -2.10 -5.06
C ARG A 51 5.29 -2.09 -6.22
N ARG A 52 4.37 -3.05 -6.20
CA ARG A 52 3.35 -3.14 -7.21
C ARG A 52 2.50 -1.87 -7.20
N LEU A 53 2.46 -1.20 -6.05
CA LEU A 53 1.72 0.05 -5.94
C LEU A 53 2.25 1.05 -6.95
N HIS A 54 3.57 1.11 -7.06
CA HIS A 54 4.20 2.01 -8.02
C HIS A 54 3.85 1.54 -9.42
N ALA A 55 3.82 0.23 -9.59
CA ALA A 55 3.47 -0.37 -10.87
C ALA A 55 2.02 -0.10 -11.21
N ALA A 56 1.17 0.00 -10.19
CA ALA A 56 -0.25 0.26 -10.39
C ALA A 56 -0.52 1.73 -10.72
N GLU A 57 -0.26 2.61 -9.75
CA GLU A 57 -0.50 4.04 -9.94
C GLU A 57 0.72 4.76 -10.52
N GLY A 58 1.89 4.54 -9.93
CA GLY A 58 3.10 5.20 -10.40
C GLY A 58 3.94 5.78 -9.28
N VAL A 59 3.64 5.38 -8.05
CA VAL A 59 4.38 5.84 -6.88
C VAL A 59 5.56 4.91 -6.62
N GLU A 60 6.63 5.09 -7.38
CA GLU A 60 7.83 4.27 -7.23
C GLU A 60 8.85 4.87 -6.26
N PRO A 61 9.18 6.17 -6.41
CA PRO A 61 10.14 6.84 -5.53
C PRO A 61 9.72 6.81 -4.08
N GLY A 62 10.15 7.80 -3.30
CA GLY A 62 9.79 7.87 -1.90
C GLY A 62 8.32 8.20 -1.69
N SER A 63 7.57 8.34 -2.78
CA SER A 63 6.15 8.66 -2.73
C SER A 63 5.35 7.56 -2.04
N GLN A 64 5.98 6.41 -1.81
CA GLN A 64 5.31 5.30 -1.16
C GLN A 64 5.28 5.49 0.36
N ARG A 65 4.52 6.48 0.82
CA ARG A 65 4.42 6.74 2.25
C ARG A 65 3.32 5.89 2.87
N TRP A 66 3.72 4.81 3.54
CA TRP A 66 2.78 3.88 4.18
C TRP A 66 2.27 4.40 5.52
N PHE A 67 0.96 4.37 5.71
CA PHE A 67 0.34 4.84 6.94
C PHE A 67 -1.01 4.17 7.19
N PHE A 68 -1.12 3.47 8.31
CA PHE A 68 -2.37 2.80 8.67
C PHE A 68 -2.89 3.30 10.01
N SER A 69 -4.13 3.78 10.02
CA SER A 69 -4.75 4.28 11.25
C SER A 69 -4.03 5.52 11.77
N GLY A 70 -3.12 6.07 10.97
CA GLY A 70 -2.38 7.26 11.37
C GLY A 70 -0.97 6.96 11.84
N ARG A 71 -0.47 5.77 11.52
CA ARG A 71 0.88 5.37 11.90
C ARG A 71 1.64 4.81 10.71
N PRO A 72 2.96 5.04 10.64
CA PRO A 72 3.79 4.56 9.53
C PRO A 72 3.93 3.04 9.56
N LEU A 73 3.54 2.40 8.46
CA LEU A 73 3.61 0.94 8.38
C LEU A 73 5.01 0.46 7.98
N THR A 74 5.24 -0.84 8.14
CA THR A 74 6.52 -1.43 7.80
C THR A 74 6.44 -2.30 6.54
N ASP A 75 7.56 -2.93 6.21
CA ASP A 75 7.67 -3.79 5.03
C ASP A 75 7.34 -5.24 5.38
N LYS A 76 6.46 -5.42 6.35
CA LYS A 76 6.06 -6.75 6.78
C LYS A 76 4.69 -6.70 7.44
N MET A 77 3.85 -5.79 6.93
CA MET A 77 2.51 -5.61 7.47
C MET A 77 1.50 -6.62 6.94
N LYS A 78 1.63 -7.03 5.68
CA LYS A 78 0.66 -7.94 5.10
C LYS A 78 0.54 -9.22 5.93
N PHE A 79 1.58 -10.04 5.87
CA PHE A 79 1.59 -11.29 6.62
C PHE A 79 1.53 -11.04 8.13
N GLU A 80 1.75 -9.79 8.56
CA GLU A 80 1.73 -9.47 9.99
C GLU A 80 0.35 -9.04 10.45
N GLU A 81 -0.48 -8.58 9.51
CA GLU A 81 -1.81 -8.11 9.83
C GLU A 81 -2.80 -9.25 9.71
N LEU A 82 -2.98 -9.73 8.49
CA LEU A 82 -3.91 -10.81 8.22
C LEU A 82 -5.33 -10.41 8.62
N LYS A 83 -5.54 -9.11 8.85
CA LYS A 83 -6.85 -8.62 9.26
C LYS A 83 -7.56 -7.92 8.12
N ILE A 84 -7.07 -8.10 6.89
CA ILE A 84 -7.66 -7.48 5.73
C ILE A 84 -8.43 -8.48 4.87
N PRO A 85 -9.75 -8.60 5.09
CA PRO A 85 -10.59 -9.51 4.32
C PRO A 85 -11.01 -8.88 2.99
N LYS A 86 -11.11 -7.54 2.99
CA LYS A 86 -11.50 -6.79 1.80
C LYS A 86 -11.74 -5.31 2.12
N ASP A 87 -11.96 -5.00 3.40
CA ASP A 87 -12.22 -3.62 3.81
C ASP A 87 -10.94 -2.88 4.23
N TYR A 88 -10.08 -3.54 5.02
CA TYR A 88 -8.85 -2.91 5.49
C TYR A 88 -8.11 -2.18 4.37
N VAL A 89 -7.66 -0.98 4.69
CA VAL A 89 -6.95 -0.15 3.72
C VAL A 89 -5.82 0.64 4.37
N VAL A 90 -4.63 0.58 3.76
CA VAL A 90 -3.49 1.32 4.27
C VAL A 90 -3.46 2.70 3.65
N GLN A 91 -3.40 3.71 4.49
CA GLN A 91 -3.36 5.07 4.02
C GLN A 91 -1.95 5.37 3.51
N VAL A 92 -1.85 6.15 2.46
CA VAL A 92 -0.57 6.46 1.88
C VAL A 92 -0.42 7.95 1.55
N ILE A 93 0.80 8.34 1.21
CA ILE A 93 1.08 9.72 0.86
C ILE A 93 2.15 9.80 -0.21
N VAL A 94 1.85 10.55 -1.26
CA VAL A 94 2.76 10.77 -2.37
C VAL A 94 2.88 12.27 -2.64
N SER A 95 3.97 12.87 -2.17
CA SER A 95 4.20 14.29 -2.36
C SER A 95 5.28 14.56 -3.40
N GLN A 96 5.08 14.02 -4.59
CA GLN A 96 6.04 14.20 -5.69
C GLN A 96 5.40 13.90 -7.04
N PRO A 97 4.24 14.52 -7.34
CA PRO A 97 3.54 14.31 -8.60
C PRO A 97 4.34 14.81 -9.80
N VAL A 98 5.21 15.78 -9.55
CA VAL A 98 6.04 16.35 -10.61
C VAL A 98 7.45 16.66 -10.09
N GLN A 99 7.53 17.24 -8.91
CA GLN A 99 8.81 17.58 -8.31
C GLN A 99 8.80 17.31 -6.80
N ASN A 100 9.79 16.57 -6.32
CA ASN A 100 9.90 16.24 -4.91
C ASN A 100 10.76 17.26 -4.17
N GLY A 21 -6.18 -18.56 1.37
CA GLY A 21 -5.02 -19.07 2.18
C GLY A 21 -3.72 -18.38 1.81
N TYR A 22 -3.41 -18.33 0.51
CA TYR A 22 -2.19 -17.69 0.04
C TYR A 22 -2.51 -16.50 -0.87
N GLU A 23 -3.64 -15.86 -0.61
CA GLU A 23 -4.06 -14.71 -1.39
C GLU A 23 -4.40 -13.53 -0.49
N CYS A 24 -4.00 -12.33 -0.90
CA CYS A 24 -4.27 -11.13 -0.12
C CYS A 24 -4.70 -9.97 -1.00
N GLN A 25 -5.33 -8.98 -0.39
CA GLN A 25 -5.81 -7.80 -1.10
C GLN A 25 -6.09 -6.67 -0.11
N LEU A 26 -5.47 -5.52 -0.33
CA LEU A 26 -5.63 -4.38 0.56
C LEU A 26 -5.95 -3.11 -0.22
N ARG A 27 -6.78 -2.24 0.36
CA ARG A 27 -7.16 -0.99 -0.30
C ARG A 27 -6.16 0.11 0.04
N LEU A 28 -5.79 0.90 -0.96
CA LEU A 28 -4.83 1.98 -0.74
C LEU A 28 -5.44 3.35 -0.98
N ARG A 29 -5.48 4.16 0.07
CA ARG A 29 -5.98 5.52 -0.02
C ARG A 29 -4.81 6.46 -0.22
N LEU A 30 -4.57 6.89 -1.46
CA LEU A 30 -3.43 7.74 -1.76
C LEU A 30 -3.77 9.21 -1.92
N SER A 31 -2.73 10.03 -1.77
CA SER A 31 -2.84 11.48 -1.88
C SER A 31 -3.80 12.02 -0.83
N THR A 32 -5.02 11.54 -0.91
CA THR A 32 -6.09 11.95 0.00
C THR A 32 -7.40 11.24 -0.34
N GLY A 33 -7.31 10.07 -0.99
CA GLY A 33 -8.53 9.37 -1.35
C GLY A 33 -8.41 8.58 -2.64
N LYS A 34 -7.19 8.23 -3.03
CA LYS A 34 -6.99 7.46 -4.25
C LYS A 34 -7.01 5.98 -3.91
N ASP A 35 -8.22 5.45 -3.74
CA ASP A 35 -8.41 4.07 -3.38
C ASP A 35 -8.14 3.16 -4.56
N LEU A 36 -7.24 2.24 -4.32
CA LEU A 36 -6.85 1.24 -5.30
C LEU A 36 -6.46 -0.02 -4.57
N LYS A 37 -7.25 -1.06 -4.74
CA LYS A 37 -6.99 -2.32 -4.07
C LYS A 37 -6.01 -3.18 -4.87
N LEU A 38 -4.84 -3.40 -4.30
CA LEU A 38 -3.80 -4.19 -4.94
C LEU A 38 -3.76 -5.60 -4.35
N VAL A 39 -3.38 -6.57 -5.17
CA VAL A 39 -3.28 -7.95 -4.73
C VAL A 39 -1.85 -8.29 -4.35
N VAL A 40 -1.69 -9.18 -3.36
CA VAL A 40 -0.37 -9.57 -2.89
C VAL A 40 -0.42 -10.93 -2.19
N ARG A 41 0.75 -11.50 -1.93
CA ARG A 41 0.84 -12.79 -1.27
C ARG A 41 1.89 -12.80 -0.16
N SER A 42 1.42 -12.64 1.09
CA SER A 42 2.26 -12.66 2.31
C SER A 42 3.65 -12.03 2.15
N THR A 43 4.38 -12.38 1.09
CA THR A 43 5.71 -11.82 0.87
C THR A 43 5.61 -10.45 0.20
N ASP A 44 4.44 -10.15 -0.35
CA ASP A 44 4.21 -8.88 -1.02
C ASP A 44 3.55 -7.86 -0.08
N THR A 45 4.02 -7.82 1.17
CA THR A 45 3.49 -6.90 2.18
C THR A 45 3.62 -5.45 1.72
N VAL A 46 3.09 -4.53 2.53
CA VAL A 46 3.10 -3.09 2.26
C VAL A 46 4.30 -2.65 1.40
N PHE A 47 5.46 -3.29 1.57
CA PHE A 47 6.64 -2.94 0.79
C PHE A 47 6.37 -3.24 -0.67
N HIS A 48 6.22 -4.53 -0.98
CA HIS A 48 5.91 -4.91 -2.35
C HIS A 48 4.56 -4.32 -2.71
N MET A 49 3.65 -4.36 -1.74
CA MET A 49 2.34 -3.77 -1.92
C MET A 49 2.52 -2.37 -2.46
N LYS A 50 3.48 -1.68 -1.88
CA LYS A 50 3.84 -0.33 -2.28
C LYS A 50 4.60 -0.39 -3.59
N ARG A 51 5.38 -1.45 -3.78
CA ARG A 51 6.11 -1.64 -5.02
C ARG A 51 5.14 -1.56 -6.18
N ARG A 52 4.05 -2.29 -6.04
CA ARG A 52 3.01 -2.31 -7.04
C ARG A 52 2.31 -0.96 -7.07
N LEU A 53 2.24 -0.30 -5.91
CA LEU A 53 1.61 1.02 -5.84
C LEU A 53 2.26 1.95 -6.86
N HIS A 54 3.58 1.79 -7.04
CA HIS A 54 4.30 2.59 -8.01
C HIS A 54 4.03 2.06 -9.41
N ALA A 55 3.86 0.74 -9.50
CA ALA A 55 3.59 0.09 -10.78
C ALA A 55 2.21 0.47 -11.35
N ALA A 56 1.15 0.17 -10.59
CA ALA A 56 -0.22 0.44 -11.04
C ALA A 56 -0.60 1.92 -10.92
N GLU A 57 -0.18 2.58 -9.84
CA GLU A 57 -0.53 3.99 -9.65
C GLU A 57 0.50 4.93 -10.27
N GLY A 58 1.77 4.70 -9.94
CA GLY A 58 2.82 5.55 -10.48
C GLY A 58 3.62 6.25 -9.39
N VAL A 59 3.46 5.81 -8.15
CA VAL A 59 4.17 6.39 -7.03
C VAL A 59 5.53 5.70 -6.81
N GLU A 60 6.43 5.90 -7.77
CA GLU A 60 7.77 5.30 -7.71
C GLU A 60 8.71 6.07 -6.78
N PRO A 61 8.93 7.38 -7.01
CA PRO A 61 9.82 8.20 -6.19
C PRO A 61 9.49 8.13 -4.71
N GLY A 62 10.00 9.09 -3.94
CA GLY A 62 9.74 9.12 -2.51
C GLY A 62 8.32 9.53 -2.15
N SER A 63 7.37 9.16 -3.00
CA SER A 63 5.97 9.47 -2.78
C SER A 63 5.21 8.26 -2.23
N GLN A 64 5.96 7.26 -1.79
CA GLN A 64 5.36 6.05 -1.24
C GLN A 64 5.33 6.07 0.28
N ARG A 65 4.48 6.93 0.84
CA ARG A 65 4.35 7.01 2.30
C ARG A 65 3.26 6.07 2.80
N TRP A 66 3.66 4.85 3.16
CA TRP A 66 2.70 3.84 3.65
C TRP A 66 2.23 4.15 5.07
N PHE A 67 0.91 4.25 5.24
CA PHE A 67 0.33 4.54 6.55
C PHE A 67 -1.01 3.84 6.73
N PHE A 68 -1.26 3.37 7.94
CA PHE A 68 -2.52 2.69 8.27
C PHE A 68 -2.95 3.04 9.69
N SER A 69 -4.21 3.45 9.84
CA SER A 69 -4.75 3.81 11.15
C SER A 69 -4.07 5.06 11.72
N GLY A 70 -3.17 5.66 10.96
CA GLY A 70 -2.47 6.84 11.43
C GLY A 70 -1.02 6.58 11.79
N ARG A 71 -0.49 5.46 11.32
CA ARG A 71 0.90 5.09 11.58
C ARG A 71 1.55 4.50 10.34
N PRO A 72 2.88 4.67 10.19
CA PRO A 72 3.61 4.15 9.03
C PRO A 72 3.69 2.62 9.05
N LEU A 73 3.14 1.98 8.03
CA LEU A 73 3.17 0.52 7.95
C LEU A 73 4.56 0.02 7.60
N THR A 74 4.77 -1.28 7.76
CA THR A 74 6.07 -1.89 7.46
C THR A 74 5.98 -2.91 6.33
N ASP A 75 7.12 -3.53 6.05
CA ASP A 75 7.24 -4.53 4.99
C ASP A 75 6.91 -5.93 5.51
N LYS A 76 6.04 -6.01 6.50
CA LYS A 76 5.64 -7.29 7.07
C LYS A 76 4.21 -7.19 7.59
N MET A 77 3.42 -6.36 6.93
CA MET A 77 2.03 -6.16 7.31
C MET A 77 1.06 -7.12 6.64
N LYS A 78 1.29 -7.47 5.37
CA LYS A 78 0.34 -8.33 4.66
C LYS A 78 0.13 -9.65 5.38
N PHE A 79 1.15 -10.50 5.37
CA PHE A 79 1.05 -11.80 6.03
C PHE A 79 0.87 -11.65 7.55
N GLU A 80 1.00 -10.43 8.08
CA GLU A 80 0.86 -10.21 9.52
C GLU A 80 -0.58 -9.91 9.92
N GLU A 81 -1.33 -9.31 9.00
CA GLU A 81 -2.72 -8.95 9.26
C GLU A 81 -3.62 -10.08 8.84
N LEU A 82 -3.51 -10.42 7.56
CA LEU A 82 -4.28 -11.50 6.96
C LEU A 82 -5.75 -11.10 6.79
N LYS A 83 -6.14 -9.99 7.39
CA LYS A 83 -7.51 -9.51 7.28
C LYS A 83 -7.61 -8.41 6.24
N ILE A 84 -6.48 -8.08 5.63
CA ILE A 84 -6.42 -7.04 4.61
C ILE A 84 -7.45 -7.26 3.48
N PRO A 85 -7.81 -8.51 3.12
CA PRO A 85 -8.77 -8.77 2.06
C PRO A 85 -10.22 -8.63 2.52
N LYS A 86 -10.54 -7.47 3.08
CA LYS A 86 -11.90 -7.21 3.56
C LYS A 86 -12.20 -5.71 3.61
N ASP A 87 -12.10 -5.10 4.79
CA ASP A 87 -12.37 -3.68 4.94
C ASP A 87 -11.11 -2.91 5.32
N TYR A 88 -9.95 -3.54 5.16
CA TYR A 88 -8.69 -2.90 5.51
C TYR A 88 -8.19 -2.02 4.37
N VAL A 89 -7.62 -0.87 4.74
CA VAL A 89 -7.09 0.07 3.75
C VAL A 89 -5.91 0.86 4.30
N VAL A 90 -4.81 0.86 3.55
CA VAL A 90 -3.62 1.60 3.96
C VAL A 90 -3.55 2.94 3.25
N GLN A 91 -3.60 4.02 4.02
CA GLN A 91 -3.54 5.35 3.45
C GLN A 91 -2.11 5.74 3.18
N VAL A 92 -1.82 6.18 1.95
CA VAL A 92 -0.47 6.56 1.58
C VAL A 92 -0.38 8.06 1.30
N ILE A 93 0.84 8.56 1.18
CA ILE A 93 1.07 9.95 0.90
C ILE A 93 1.99 10.10 -0.30
N VAL A 94 1.50 10.81 -1.31
CA VAL A 94 2.25 11.06 -2.53
C VAL A 94 1.97 12.48 -3.03
N SER A 95 2.91 13.39 -2.78
CA SER A 95 2.76 14.78 -3.20
C SER A 95 4.01 15.26 -3.94
N GLN A 96 4.58 14.38 -4.75
CA GLN A 96 5.78 14.73 -5.52
C GLN A 96 5.67 14.21 -6.95
N PRO A 97 5.00 14.97 -7.84
CA PRO A 97 4.84 14.58 -9.24
C PRO A 97 6.15 14.18 -9.89
N VAL A 98 7.24 14.75 -9.41
CA VAL A 98 8.57 14.44 -9.95
C VAL A 98 9.62 14.35 -8.84
N GLN A 99 9.49 15.21 -7.83
CA GLN A 99 10.42 15.23 -6.70
C GLN A 99 11.77 15.83 -7.10
N ASN A 100 12.42 15.22 -8.09
CA ASN A 100 13.71 15.69 -8.56
C ASN A 100 14.80 15.46 -7.50
N GLY A 21 -11.91 -14.23 -2.35
CA GLY A 21 -10.75 -13.35 -2.59
C GLY A 21 -9.50 -14.14 -2.96
N TYR A 22 -8.94 -13.84 -4.13
CA TYR A 22 -7.74 -14.52 -4.60
C TYR A 22 -6.49 -13.90 -3.99
N GLU A 23 -5.74 -14.70 -3.25
CA GLU A 23 -4.51 -14.23 -2.61
C GLU A 23 -4.82 -13.08 -1.64
N CYS A 24 -3.76 -12.43 -1.16
CA CYS A 24 -3.91 -11.31 -0.24
C CYS A 24 -4.26 -10.04 -0.99
N GLN A 25 -5.22 -9.29 -0.47
CA GLN A 25 -5.66 -8.05 -1.11
C GLN A 25 -5.80 -6.92 -0.10
N LEU A 26 -4.98 -5.90 -0.25
CA LEU A 26 -5.01 -4.74 0.65
C LEU A 26 -5.35 -3.47 -0.13
N ARG A 27 -6.17 -2.60 0.48
CA ARG A 27 -6.57 -1.37 -0.18
C ARG A 27 -5.61 -0.23 0.17
N LEU A 28 -5.18 0.50 -0.84
CA LEU A 28 -4.26 1.62 -0.63
C LEU A 28 -4.89 2.96 -0.93
N ARG A 29 -5.07 3.78 0.09
CA ARG A 29 -5.64 5.12 -0.09
C ARG A 29 -4.51 6.11 -0.34
N LEU A 30 -4.31 6.48 -1.60
CA LEU A 30 -3.22 7.39 -1.94
C LEU A 30 -3.67 8.83 -2.14
N SER A 31 -2.71 9.75 -1.98
CA SER A 31 -2.93 11.19 -2.15
C SER A 31 -3.95 11.74 -1.14
N THR A 32 -4.99 10.97 -0.91
CA THR A 32 -6.06 11.34 0.01
C THR A 32 -7.32 10.50 -0.22
N GLY A 33 -7.33 9.70 -1.31
CA GLY A 33 -8.50 8.88 -1.58
C GLY A 33 -8.32 8.04 -2.82
N LYS A 34 -7.09 7.63 -3.08
CA LYS A 34 -6.78 6.82 -4.23
C LYS A 34 -6.71 5.35 -3.82
N ASP A 35 -7.88 4.80 -3.49
CA ASP A 35 -7.98 3.43 -3.03
C ASP A 35 -7.90 2.46 -4.19
N LEU A 36 -6.85 1.69 -4.15
CA LEU A 36 -6.59 0.66 -5.14
C LEU A 36 -6.10 -0.58 -4.42
N LYS A 37 -6.90 -1.63 -4.49
CA LYS A 37 -6.55 -2.86 -3.81
C LYS A 37 -5.54 -3.67 -4.63
N LEU A 38 -4.30 -3.70 -4.14
CA LEU A 38 -3.24 -4.43 -4.82
C LEU A 38 -3.11 -5.85 -4.24
N VAL A 39 -2.65 -6.76 -5.08
CA VAL A 39 -2.45 -8.15 -4.68
C VAL A 39 -1.14 -8.31 -3.93
N VAL A 40 -1.12 -9.20 -2.96
CA VAL A 40 0.07 -9.45 -2.16
C VAL A 40 0.05 -10.88 -1.62
N ARG A 41 1.17 -11.32 -1.07
CA ARG A 41 1.28 -12.67 -0.55
C ARG A 41 2.39 -12.79 0.49
N SER A 42 2.00 -12.68 1.77
CA SER A 42 2.91 -12.78 2.92
C SER A 42 4.26 -12.08 2.75
N THR A 43 4.93 -12.29 1.62
CA THR A 43 6.20 -11.66 1.35
C THR A 43 6.01 -10.37 0.56
N ASP A 44 4.77 -10.12 0.12
CA ASP A 44 4.47 -8.93 -0.66
C ASP A 44 3.93 -7.82 0.25
N THR A 45 4.32 -7.84 1.52
CA THR A 45 3.89 -6.84 2.49
C THR A 45 4.05 -5.42 1.95
N VAL A 46 3.58 -4.44 2.70
CA VAL A 46 3.65 -3.02 2.34
C VAL A 46 4.89 -2.67 1.48
N PHE A 47 5.99 -3.40 1.67
CA PHE A 47 7.21 -3.14 0.90
C PHE A 47 6.97 -3.46 -0.55
N HIS A 48 6.46 -4.65 -0.81
CA HIS A 48 6.13 -5.04 -2.17
C HIS A 48 4.82 -4.39 -2.52
N MET A 49 3.91 -4.37 -1.55
CA MET A 49 2.62 -3.73 -1.72
C MET A 49 2.83 -2.35 -2.32
N LYS A 50 3.81 -1.63 -1.77
CA LYS A 50 4.16 -0.31 -2.24
C LYS A 50 4.93 -0.45 -3.54
N ARG A 51 5.67 -1.56 -3.66
CA ARG A 51 6.44 -1.83 -4.87
C ARG A 51 5.51 -1.84 -6.07
N ARG A 52 4.60 -2.81 -6.08
CA ARG A 52 3.61 -2.92 -7.14
C ARG A 52 2.76 -1.66 -7.18
N LEU A 53 2.62 -0.99 -6.03
CA LEU A 53 1.85 0.24 -5.99
C LEU A 53 2.35 1.20 -7.06
N HIS A 54 3.66 1.46 -7.05
CA HIS A 54 4.26 2.32 -8.06
C HIS A 54 4.01 1.73 -9.44
N ALA A 55 4.12 0.40 -9.53
CA ALA A 55 3.90 -0.30 -10.78
C ALA A 55 2.51 -0.02 -11.35
N ALA A 56 1.49 -0.04 -10.49
CA ALA A 56 0.12 0.20 -10.93
C ALA A 56 -0.22 1.70 -10.92
N GLU A 57 0.19 2.39 -9.87
CA GLU A 57 -0.09 3.82 -9.73
C GLU A 57 1.02 4.67 -10.35
N GLY A 58 2.21 4.59 -9.77
CA GLY A 58 3.33 5.35 -10.26
C GLY A 58 4.15 5.98 -9.12
N VAL A 59 3.64 5.87 -7.90
CA VAL A 59 4.30 6.41 -6.73
C VAL A 59 5.26 5.39 -6.11
N GLU A 60 6.56 5.71 -6.15
CA GLU A 60 7.60 4.83 -5.60
C GLU A 60 7.68 4.92 -4.07
N PRO A 61 8.44 4.00 -3.44
CA PRO A 61 8.62 3.96 -1.99
C PRO A 61 8.77 5.35 -1.36
N GLY A 62 9.66 6.15 -1.92
CA GLY A 62 9.89 7.49 -1.39
C GLY A 62 8.77 8.45 -1.70
N SER A 63 7.86 8.06 -2.59
CA SER A 63 6.74 8.92 -2.96
C SER A 63 5.48 8.50 -2.23
N GLN A 64 5.30 7.19 -2.07
CA GLN A 64 4.12 6.70 -1.39
C GLN A 64 4.40 6.40 0.08
N ARG A 65 4.30 7.42 0.92
CA ARG A 65 4.53 7.24 2.34
C ARG A 65 3.38 6.41 2.92
N TRP A 66 3.71 5.17 3.29
CA TRP A 66 2.72 4.23 3.83
C TRP A 66 2.24 4.65 5.22
N PHE A 67 0.92 4.73 5.38
CA PHE A 67 0.33 5.12 6.66
C PHE A 67 -1.04 4.49 6.86
N PHE A 68 -1.25 3.93 8.05
CA PHE A 68 -2.52 3.31 8.39
C PHE A 68 -3.07 3.89 9.69
N SER A 69 -4.09 4.74 9.57
CA SER A 69 -4.70 5.36 10.73
C SER A 69 -3.71 6.27 11.48
N GLY A 70 -2.60 6.60 10.82
CA GLY A 70 -1.61 7.46 11.43
C GLY A 70 -0.33 6.72 11.80
N ARG A 71 -0.21 5.47 11.35
CA ARG A 71 0.98 4.67 11.65
C ARG A 71 1.69 4.27 10.35
N PRO A 72 3.03 4.46 10.29
CA PRO A 72 3.81 4.11 9.10
C PRO A 72 3.89 2.60 8.89
N LEU A 73 3.47 2.13 7.72
CA LEU A 73 3.49 0.70 7.43
C LEU A 73 4.90 0.23 7.08
N THR A 74 5.25 -0.96 7.56
CA THR A 74 6.56 -1.54 7.31
C THR A 74 6.48 -2.71 6.32
N ASP A 75 7.63 -3.34 6.08
CA ASP A 75 7.74 -4.47 5.16
C ASP A 75 7.30 -5.78 5.81
N LYS A 76 6.48 -5.67 6.86
CA LYS A 76 5.99 -6.84 7.56
C LYS A 76 4.55 -6.62 7.99
N MET A 77 3.81 -5.84 7.20
CA MET A 77 2.43 -5.53 7.51
C MET A 77 1.43 -6.53 6.90
N LYS A 78 1.63 -6.90 5.64
CA LYS A 78 0.69 -7.81 4.99
C LYS A 78 0.58 -9.11 5.76
N PHE A 79 1.65 -9.91 5.74
CA PHE A 79 1.66 -11.17 6.46
C PHE A 79 1.37 -11.02 7.95
N GLU A 80 1.38 -9.78 8.46
CA GLU A 80 1.15 -9.55 9.88
C GLU A 80 -0.34 -9.34 10.18
N GLU A 81 -1.08 -8.84 9.19
CA GLU A 81 -2.50 -8.58 9.37
C GLU A 81 -3.29 -9.80 8.94
N LEU A 82 -3.12 -10.15 7.67
CA LEU A 82 -3.77 -11.31 7.08
C LEU A 82 -5.26 -11.05 6.83
N LYS A 83 -5.80 -10.02 7.49
CA LYS A 83 -7.21 -9.69 7.34
C LYS A 83 -7.37 -8.45 6.47
N ILE A 84 -6.50 -8.33 5.48
CA ILE A 84 -6.52 -7.20 4.56
C ILE A 84 -7.49 -7.37 3.39
N PRO A 85 -7.83 -8.62 3.00
CA PRO A 85 -8.74 -8.87 1.87
C PRO A 85 -9.97 -7.97 1.87
N LYS A 86 -9.87 -6.85 1.16
CA LYS A 86 -10.97 -5.90 1.04
C LYS A 86 -11.40 -5.35 2.40
N ASP A 87 -10.55 -5.49 3.41
CA ASP A 87 -10.87 -5.01 4.74
C ASP A 87 -9.94 -3.86 5.16
N TYR A 88 -8.67 -4.19 5.42
CA TYR A 88 -7.70 -3.18 5.83
C TYR A 88 -7.25 -2.33 4.65
N VAL A 89 -6.91 -1.08 4.94
CA VAL A 89 -6.48 -0.14 3.91
C VAL A 89 -5.37 0.77 4.43
N VAL A 90 -4.26 0.83 3.69
CA VAL A 90 -3.15 1.70 4.07
C VAL A 90 -3.17 2.97 3.26
N GLN A 91 -3.27 4.09 3.96
CA GLN A 91 -3.31 5.39 3.29
C GLN A 91 -1.89 5.91 3.06
N VAL A 92 -1.58 6.17 1.79
CA VAL A 92 -0.26 6.67 1.43
C VAL A 92 -0.32 8.16 1.07
N ILE A 93 0.82 8.82 1.12
CA ILE A 93 0.87 10.24 0.78
C ILE A 93 2.11 10.56 -0.05
N VAL A 94 1.88 11.03 -1.28
CA VAL A 94 2.95 11.39 -2.19
C VAL A 94 2.91 12.88 -2.50
N SER A 95 3.71 13.64 -1.77
CA SER A 95 3.78 15.09 -1.97
C SER A 95 4.90 15.45 -2.93
N GLN A 96 5.24 14.51 -3.83
CA GLN A 96 6.30 14.73 -4.80
C GLN A 96 5.71 15.01 -6.18
N PRO A 97 5.25 16.25 -6.42
CA PRO A 97 4.66 16.64 -7.71
C PRO A 97 5.66 16.55 -8.86
N VAL A 98 6.91 16.89 -8.57
CA VAL A 98 7.96 16.85 -9.58
C VAL A 98 8.33 15.41 -9.92
N GLN A 99 8.15 14.52 -8.96
CA GLN A 99 8.47 13.10 -9.16
C GLN A 99 7.32 12.37 -9.86
N ASN A 100 6.16 13.02 -9.92
CA ASN A 100 4.99 12.43 -10.56
C ASN A 100 4.57 11.14 -9.85
N GLY A 21 -1.86 -19.87 -1.49
CA GLY A 21 -2.56 -20.66 -0.42
C GLY A 21 -3.34 -19.79 0.53
N TYR A 22 -3.06 -18.49 0.53
CA TYR A 22 -3.75 -17.56 1.41
C TYR A 22 -4.47 -16.47 0.60
N GLU A 23 -3.77 -15.90 -0.36
CA GLU A 23 -4.35 -14.86 -1.20
C GLU A 23 -4.82 -13.68 -0.36
N CYS A 24 -4.06 -12.59 -0.38
CA CYS A 24 -4.40 -11.40 0.38
C CYS A 24 -4.69 -10.21 -0.54
N GLN A 25 -5.26 -9.16 0.03
CA GLN A 25 -5.60 -7.95 -0.73
C GLN A 25 -5.73 -6.76 0.21
N LEU A 26 -4.97 -5.70 -0.07
CA LEU A 26 -5.01 -4.50 0.77
C LEU A 26 -5.43 -3.27 -0.04
N ARG A 27 -6.31 -2.45 0.54
CA ARG A 27 -6.81 -1.25 -0.14
C ARG A 27 -5.86 -0.06 0.01
N LEU A 28 -5.51 0.56 -1.12
CA LEU A 28 -4.62 1.72 -1.13
C LEU A 28 -5.39 3.01 -1.36
N ARG A 29 -5.61 3.78 -0.30
CA ARG A 29 -6.34 5.04 -0.45
C ARG A 29 -5.35 6.15 -0.77
N LEU A 30 -5.26 6.52 -2.05
CA LEU A 30 -4.32 7.54 -2.48
C LEU A 30 -4.84 8.94 -2.23
N SER A 31 -3.91 9.81 -1.81
CA SER A 31 -4.21 11.19 -1.48
C SER A 31 -4.89 11.92 -2.64
N THR A 32 -4.63 11.46 -3.85
CA THR A 32 -5.23 12.07 -5.02
C THR A 32 -6.65 11.54 -5.25
N GLY A 33 -7.04 10.60 -4.38
CA GLY A 33 -8.35 10.00 -4.50
C GLY A 33 -8.27 8.72 -5.28
N LYS A 34 -7.20 7.98 -5.02
CA LYS A 34 -6.96 6.73 -5.74
C LYS A 34 -6.92 5.54 -4.78
N ASP A 35 -8.10 4.96 -4.57
CA ASP A 35 -8.26 3.81 -3.68
C ASP A 35 -8.42 2.53 -4.49
N LEU A 36 -7.34 1.76 -4.55
CA LEU A 36 -7.34 0.50 -5.29
C LEU A 36 -6.64 -0.56 -4.46
N LYS A 37 -7.35 -1.64 -4.20
CA LYS A 37 -6.80 -2.73 -3.42
C LYS A 37 -5.94 -3.64 -4.28
N LEU A 38 -4.65 -3.64 -4.02
CA LEU A 38 -3.70 -4.46 -4.76
C LEU A 38 -3.64 -5.86 -4.18
N VAL A 39 -3.61 -6.86 -5.06
CA VAL A 39 -3.53 -8.25 -4.64
C VAL A 39 -2.14 -8.56 -4.10
N VAL A 40 -2.09 -9.15 -2.91
CA VAL A 40 -0.82 -9.49 -2.28
C VAL A 40 -0.92 -10.80 -1.53
N ARG A 41 0.22 -11.35 -1.13
CA ARG A 41 0.24 -12.61 -0.42
C ARG A 41 1.45 -12.69 0.51
N SER A 42 1.22 -12.40 1.79
CA SER A 42 2.23 -12.44 2.86
C SER A 42 3.66 -12.09 2.41
N THR A 43 4.13 -12.69 1.31
CA THR A 43 5.46 -12.40 0.80
C THR A 43 5.51 -11.00 0.19
N ASP A 44 4.32 -10.48 -0.15
CA ASP A 44 4.22 -9.15 -0.74
C ASP A 44 4.34 -8.07 0.32
N THR A 45 3.29 -7.87 1.11
CA THR A 45 3.29 -6.86 2.16
C THR A 45 3.53 -5.47 1.59
N VAL A 46 3.11 -4.45 2.34
CA VAL A 46 3.23 -3.04 1.94
C VAL A 46 4.41 -2.77 0.99
N PHE A 47 5.51 -3.49 1.17
CA PHE A 47 6.68 -3.31 0.29
C PHE A 47 6.31 -3.70 -1.12
N HIS A 48 6.11 -5.00 -1.34
CA HIS A 48 5.71 -5.45 -2.66
C HIS A 48 4.41 -4.75 -3.01
N MET A 49 3.55 -4.63 -2.01
CA MET A 49 2.30 -3.91 -2.14
C MET A 49 2.58 -2.59 -2.85
N LYS A 50 3.63 -1.95 -2.35
CA LYS A 50 4.09 -0.68 -2.89
C LYS A 50 4.73 -0.93 -4.24
N ARG A 51 5.40 -2.09 -4.37
CA ARG A 51 6.05 -2.46 -5.62
C ARG A 51 5.01 -2.46 -6.74
N ARG A 52 4.09 -3.41 -6.65
CA ARG A 52 3.03 -3.52 -7.63
C ARG A 52 2.21 -2.23 -7.66
N LEU A 53 2.25 -1.46 -6.55
CA LEU A 53 1.54 -0.20 -6.49
C LEU A 53 2.06 0.73 -7.58
N HIS A 54 3.35 1.02 -7.53
CA HIS A 54 3.98 1.87 -8.53
C HIS A 54 3.60 1.37 -9.92
N ALA A 55 3.58 0.06 -10.07
CA ALA A 55 3.22 -0.56 -11.35
C ALA A 55 1.71 -0.50 -11.59
N ALA A 56 0.93 -0.44 -10.51
CA ALA A 56 -0.52 -0.38 -10.61
C ALA A 56 -1.02 1.02 -10.96
N GLU A 57 -0.84 1.96 -10.03
CA GLU A 57 -1.30 3.33 -10.25
C GLU A 57 -0.21 4.19 -10.90
N GLY A 58 1.02 4.11 -10.39
CA GLY A 58 2.10 4.89 -10.95
C GLY A 58 2.95 5.61 -9.91
N VAL A 59 2.57 5.51 -8.65
CA VAL A 59 3.32 6.14 -7.58
C VAL A 59 4.41 5.23 -7.04
N GLU A 60 5.66 5.55 -7.39
CA GLU A 60 6.82 4.78 -6.95
C GLU A 60 7.03 4.93 -5.46
N PRO A 61 7.78 3.99 -4.83
CA PRO A 61 8.06 4.03 -3.40
C PRO A 61 8.35 5.45 -2.89
N GLY A 62 9.17 6.18 -3.62
CA GLY A 62 9.50 7.54 -3.22
C GLY A 62 8.30 8.47 -3.23
N SER A 63 7.31 8.14 -4.04
CA SER A 63 6.09 8.94 -4.14
C SER A 63 4.98 8.31 -3.32
N GLN A 64 5.02 6.99 -3.19
CA GLN A 64 4.01 6.28 -2.45
C GLN A 64 4.46 6.07 -1.01
N ARG A 65 3.88 6.84 -0.11
CA ARG A 65 4.19 6.74 1.30
C ARG A 65 3.07 6.04 2.04
N TRP A 66 3.35 4.81 2.48
CA TRP A 66 2.38 3.99 3.20
C TRP A 66 2.07 4.53 4.59
N PHE A 67 0.79 4.61 4.92
CA PHE A 67 0.36 5.13 6.22
C PHE A 67 -1.01 4.58 6.61
N PHE A 68 -1.09 3.97 7.79
CA PHE A 68 -2.34 3.41 8.29
C PHE A 68 -2.59 3.81 9.73
N SER A 69 -3.80 4.26 10.02
CA SER A 69 -4.17 4.68 11.37
C SER A 69 -3.33 5.87 11.83
N GLY A 70 -2.56 6.45 10.91
CA GLY A 70 -1.73 7.59 11.26
C GLY A 70 -0.29 7.19 11.54
N ARG A 71 0.13 6.08 10.98
CA ARG A 71 1.49 5.58 11.17
C ARG A 71 2.04 4.99 9.88
N PRO A 72 3.35 5.18 9.61
CA PRO A 72 3.98 4.66 8.39
C PRO A 72 4.10 3.14 8.44
N LEU A 73 3.53 2.47 7.44
CA LEU A 73 3.58 1.01 7.38
C LEU A 73 4.98 0.50 7.10
N THR A 74 5.17 -0.79 7.30
CA THR A 74 6.44 -1.45 7.06
C THR A 74 6.36 -2.39 5.87
N ASP A 75 7.45 -3.09 5.60
CA ASP A 75 7.53 -4.03 4.49
C ASP A 75 7.13 -5.44 4.93
N LYS A 76 6.28 -5.51 5.95
CA LYS A 76 5.82 -6.78 6.47
C LYS A 76 4.48 -6.63 7.16
N MET A 77 3.65 -5.72 6.63
CA MET A 77 2.34 -5.45 7.20
C MET A 77 1.26 -6.41 6.71
N LYS A 78 1.34 -6.84 5.45
CA LYS A 78 0.30 -7.71 4.92
C LYS A 78 0.21 -8.99 5.74
N PHE A 79 1.30 -9.75 5.78
CA PHE A 79 1.33 -10.99 6.54
C PHE A 79 1.21 -10.73 8.05
N GLU A 80 1.29 -9.48 8.46
CA GLU A 80 1.21 -9.13 9.88
C GLU A 80 -0.23 -8.88 10.31
N GLU A 81 -1.04 -8.38 9.39
CA GLU A 81 -2.44 -8.08 9.68
C GLU A 81 -3.30 -9.28 9.34
N LEU A 82 -3.29 -9.62 8.06
CA LEU A 82 -4.04 -10.76 7.55
C LEU A 82 -5.54 -10.46 7.50
N LYS A 83 -5.98 -9.43 8.20
CA LYS A 83 -7.38 -9.07 8.23
C LYS A 83 -7.67 -7.86 7.35
N ILE A 84 -6.78 -7.61 6.39
CA ILE A 84 -6.95 -6.48 5.48
C ILE A 84 -7.76 -6.82 4.23
N PRO A 85 -7.77 -8.11 3.79
CA PRO A 85 -8.52 -8.52 2.59
C PRO A 85 -9.93 -7.91 2.52
N LYS A 86 -10.05 -6.83 1.74
CA LYS A 86 -11.34 -6.15 1.57
C LYS A 86 -11.83 -5.54 2.87
N ASP A 87 -10.98 -5.50 3.89
CA ASP A 87 -11.38 -4.95 5.18
C ASP A 87 -10.60 -3.68 5.52
N TYR A 88 -9.27 -3.76 5.45
CA TYR A 88 -8.43 -2.61 5.77
C TYR A 88 -7.87 -1.92 4.54
N VAL A 89 -7.52 -0.65 4.73
CA VAL A 89 -6.98 0.16 3.65
C VAL A 89 -5.82 1.03 4.15
N VAL A 90 -4.66 0.89 3.51
CA VAL A 90 -3.50 1.68 3.89
C VAL A 90 -3.50 3.01 3.17
N GLN A 91 -3.42 4.09 3.94
CA GLN A 91 -3.40 5.42 3.37
C GLN A 91 -2.05 5.67 2.75
N VAL A 92 -2.02 6.49 1.70
CA VAL A 92 -0.78 6.78 1.01
C VAL A 92 -0.63 8.27 0.74
N ILE A 93 0.61 8.70 0.54
CA ILE A 93 0.88 10.10 0.25
C ILE A 93 1.96 10.24 -0.81
N VAL A 94 1.63 10.96 -1.88
CA VAL A 94 2.56 11.19 -2.98
C VAL A 94 2.70 12.68 -3.27
N SER A 95 3.77 13.27 -2.76
CA SER A 95 4.04 14.69 -2.96
C SER A 95 5.48 14.88 -3.42
N GLN A 96 5.88 14.13 -4.44
CA GLN A 96 7.23 14.21 -4.98
C GLN A 96 7.45 15.51 -5.77
N PRO A 97 6.40 16.08 -6.40
CA PRO A 97 6.53 17.31 -7.17
C PRO A 97 7.20 18.44 -6.37
N VAL A 98 7.13 18.35 -5.05
CA VAL A 98 7.73 19.35 -4.19
C VAL A 98 8.87 18.77 -3.35
N GLN A 99 8.81 17.47 -3.09
CA GLN A 99 9.85 16.80 -2.32
C GLN A 99 10.80 16.03 -3.22
N ASN A 100 11.84 15.44 -2.62
CA ASN A 100 12.82 14.68 -3.36
C ASN A 100 13.45 15.51 -4.47
N GLY A 21 -2.68 -15.88 -6.68
CA GLY A 21 -4.06 -15.31 -6.72
C GLY A 21 -4.86 -15.65 -5.49
N TYR A 22 -5.68 -14.69 -5.04
CA TYR A 22 -6.51 -14.90 -3.85
C TYR A 22 -5.65 -15.19 -2.63
N GLU A 23 -5.08 -14.14 -2.05
CA GLU A 23 -4.24 -14.28 -0.87
C GLU A 23 -4.35 -13.06 0.03
N CYS A 24 -3.75 -11.94 -0.38
CA CYS A 24 -3.80 -10.72 0.40
C CYS A 24 -4.27 -9.54 -0.47
N GLN A 25 -5.37 -8.92 -0.07
CA GLN A 25 -5.93 -7.79 -0.79
C GLN A 25 -6.05 -6.58 0.12
N LEU A 26 -5.15 -5.62 -0.05
CA LEU A 26 -5.13 -4.41 0.77
C LEU A 26 -5.59 -3.20 -0.03
N ARG A 27 -6.50 -2.41 0.55
CA ARG A 27 -7.01 -1.23 -0.14
C ARG A 27 -6.10 -0.03 0.12
N LEU A 28 -5.60 0.57 -0.95
CA LEU A 28 -4.70 1.71 -0.82
C LEU A 28 -5.40 3.03 -1.12
N ARG A 29 -5.56 3.87 -0.11
CA ARG A 29 -6.17 5.16 -0.32
C ARG A 29 -5.08 6.23 -0.46
N LEU A 30 -4.76 6.56 -1.71
CA LEU A 30 -3.72 7.55 -2.00
C LEU A 30 -4.30 8.94 -2.19
N SER A 31 -3.42 9.93 -2.31
CA SER A 31 -3.83 11.32 -2.49
C SER A 31 -4.87 11.74 -1.46
N THR A 32 -5.15 10.84 -0.51
CA THR A 32 -6.13 11.09 0.54
C THR A 32 -7.53 10.74 0.05
N GLY A 33 -7.58 9.93 -1.00
CA GLY A 33 -8.86 9.52 -1.56
C GLY A 33 -8.68 8.75 -2.85
N LYS A 34 -7.61 7.98 -2.91
CA LYS A 34 -7.28 7.19 -4.09
C LYS A 34 -7.19 5.71 -3.72
N ASP A 35 -8.34 5.13 -3.41
CA ASP A 35 -8.42 3.74 -3.01
C ASP A 35 -8.24 2.82 -4.20
N LEU A 36 -7.19 2.03 -4.11
CA LEU A 36 -6.84 1.07 -5.13
C LEU A 36 -6.32 -0.17 -4.43
N LYS A 37 -7.14 -1.19 -4.36
CA LYS A 37 -6.76 -2.42 -3.69
C LYS A 37 -5.85 -3.28 -4.55
N LEU A 38 -4.63 -3.50 -4.05
CA LEU A 38 -3.65 -4.31 -4.75
C LEU A 38 -3.52 -5.68 -4.09
N VAL A 39 -3.18 -6.69 -4.89
CA VAL A 39 -3.02 -8.05 -4.38
C VAL A 39 -1.58 -8.28 -3.93
N VAL A 40 -1.41 -9.15 -2.94
CA VAL A 40 -0.09 -9.43 -2.40
C VAL A 40 -0.07 -10.77 -1.67
N ARG A 41 1.13 -11.23 -1.34
CA ARG A 41 1.30 -12.50 -0.63
C ARG A 41 2.45 -12.42 0.37
N SER A 42 2.10 -12.56 1.65
CA SER A 42 3.05 -12.53 2.80
C SER A 42 4.46 -12.05 2.45
N THR A 43 5.04 -12.57 1.39
CA THR A 43 6.38 -12.16 0.97
C THR A 43 6.36 -10.75 0.38
N ASP A 44 5.17 -10.18 0.23
CA ASP A 44 5.02 -8.85 -0.33
C ASP A 44 5.02 -7.78 0.76
N THR A 45 3.96 -7.74 1.57
CA THR A 45 3.85 -6.76 2.65
C THR A 45 3.93 -5.34 2.11
N VAL A 46 3.31 -4.41 2.82
CA VAL A 46 3.26 -2.99 2.46
C VAL A 46 4.44 -2.52 1.60
N PHE A 47 5.64 -3.05 1.83
CA PHE A 47 6.80 -2.66 1.04
C PHE A 47 6.57 -3.07 -0.40
N HIS A 48 6.57 -4.37 -0.66
CA HIS A 48 6.32 -4.87 -2.00
C HIS A 48 4.95 -4.40 -2.42
N MET A 49 4.03 -4.39 -1.46
CA MET A 49 2.69 -3.90 -1.70
C MET A 49 2.79 -2.54 -2.36
N LYS A 50 3.68 -1.74 -1.79
CA LYS A 50 3.97 -0.41 -2.30
C LYS A 50 4.73 -0.52 -3.59
N ARG A 51 5.58 -1.55 -3.68
CA ARG A 51 6.35 -1.79 -4.89
C ARG A 51 5.41 -1.78 -6.08
N ARG A 52 4.39 -2.64 -5.99
CA ARG A 52 3.39 -2.73 -7.03
C ARG A 52 2.57 -1.45 -7.07
N LEU A 53 2.45 -0.76 -5.93
CA LEU A 53 1.70 0.49 -5.89
C LEU A 53 2.24 1.43 -6.97
N HIS A 54 3.56 1.57 -7.02
CA HIS A 54 4.20 2.40 -8.04
C HIS A 54 3.94 1.80 -9.40
N ALA A 55 3.98 0.48 -9.46
CA ALA A 55 3.75 -0.25 -10.71
C ALA A 55 2.38 0.07 -11.32
N ALA A 56 1.32 -0.05 -10.52
CA ALA A 56 -0.04 0.20 -11.01
C ALA A 56 -0.46 1.66 -10.84
N GLU A 57 -0.08 2.26 -9.72
CA GLU A 57 -0.44 3.66 -9.44
C GLU A 57 0.59 4.63 -9.98
N GLY A 58 1.81 4.53 -9.47
CA GLY A 58 2.88 5.42 -9.90
C GLY A 58 3.60 6.05 -8.72
N VAL A 59 3.27 5.63 -7.51
CA VAL A 59 3.90 6.16 -6.32
C VAL A 59 5.14 5.34 -5.97
N GLU A 60 6.30 5.86 -6.37
CA GLU A 60 7.58 5.19 -6.11
C GLU A 60 7.95 5.27 -4.63
N PRO A 61 8.96 4.50 -4.19
CA PRO A 61 9.41 4.47 -2.79
C PRO A 61 9.43 5.86 -2.15
N GLY A 62 10.04 6.81 -2.83
CA GLY A 62 10.11 8.17 -2.31
C GLY A 62 8.73 8.73 -2.01
N SER A 63 7.75 8.34 -2.81
CA SER A 63 6.38 8.80 -2.65
C SER A 63 5.52 7.74 -1.96
N GLN A 64 6.10 6.58 -1.69
CA GLN A 64 5.37 5.49 -1.04
C GLN A 64 5.32 5.69 0.48
N ARG A 65 4.56 6.68 0.92
CA ARG A 65 4.41 6.94 2.35
C ARG A 65 3.24 6.15 2.91
N TRP A 66 3.51 4.92 3.37
CA TRP A 66 2.48 4.05 3.92
C TRP A 66 1.97 4.57 5.27
N PHE A 67 0.65 4.70 5.39
CA PHE A 67 0.04 5.20 6.62
C PHE A 67 -1.34 4.62 6.84
N PHE A 68 -1.50 3.89 7.95
CA PHE A 68 -2.77 3.27 8.30
C PHE A 68 -3.31 3.84 9.61
N SER A 69 -4.41 4.56 9.52
CA SER A 69 -5.04 5.17 10.70
C SER A 69 -4.13 6.22 11.35
N GLY A 70 -3.07 6.61 10.63
CA GLY A 70 -2.16 7.61 11.16
C GLY A 70 -0.83 7.04 11.59
N ARG A 71 -0.58 5.77 11.25
CA ARG A 71 0.67 5.12 11.61
C ARG A 71 1.38 4.59 10.36
N PRO A 72 2.71 4.78 10.28
CA PRO A 72 3.50 4.32 9.12
C PRO A 72 3.58 2.80 9.06
N LEU A 73 3.13 2.21 7.95
CA LEU A 73 3.18 0.76 7.80
C LEU A 73 4.60 0.26 7.57
N THR A 74 4.79 -1.05 7.70
CA THR A 74 6.09 -1.67 7.51
C THR A 74 6.02 -2.83 6.50
N ASP A 75 7.18 -3.42 6.23
CA ASP A 75 7.30 -4.53 5.28
C ASP A 75 6.90 -5.87 5.89
N LYS A 76 6.16 -5.83 7.00
CA LYS A 76 5.72 -7.04 7.67
C LYS A 76 4.25 -6.92 8.08
N MET A 77 3.50 -6.14 7.30
CA MET A 77 2.09 -5.92 7.59
C MET A 77 1.19 -6.94 6.92
N LYS A 78 1.45 -7.25 5.65
CA LYS A 78 0.58 -8.17 4.91
C LYS A 78 0.49 -9.52 5.61
N PHE A 79 1.61 -10.23 5.67
CA PHE A 79 1.63 -11.54 6.32
C PHE A 79 1.22 -11.44 7.79
N GLU A 80 1.22 -10.23 8.35
CA GLU A 80 0.87 -10.06 9.76
C GLU A 80 -0.63 -9.79 9.94
N GLU A 81 -1.26 -9.24 8.91
CA GLU A 81 -2.68 -8.92 9.00
C GLU A 81 -3.53 -10.07 8.49
N LEU A 82 -3.37 -10.36 7.20
CA LEU A 82 -4.10 -11.42 6.55
C LEU A 82 -5.61 -11.22 6.64
N LYS A 83 -6.00 -10.05 7.14
CA LYS A 83 -7.39 -9.70 7.29
C LYS A 83 -7.77 -8.54 6.38
N ILE A 84 -6.78 -8.04 5.64
CA ILE A 84 -6.97 -6.90 4.75
C ILE A 84 -8.13 -7.06 3.76
N PRO A 85 -8.41 -8.28 3.23
CA PRO A 85 -9.49 -8.49 2.26
C PRO A 85 -10.78 -7.73 2.62
N LYS A 86 -10.91 -6.54 2.04
CA LYS A 86 -12.10 -5.69 2.25
C LYS A 86 -12.25 -5.24 3.70
N ASP A 87 -11.21 -5.40 4.51
CA ASP A 87 -11.27 -4.98 5.91
C ASP A 87 -10.31 -3.83 6.21
N TYR A 88 -9.09 -3.93 5.67
CA TYR A 88 -8.08 -2.90 5.93
C TYR A 88 -7.72 -2.11 4.67
N VAL A 89 -7.44 -0.82 4.87
CA VAL A 89 -7.07 0.07 3.78
C VAL A 89 -5.95 1.01 4.22
N VAL A 90 -4.75 0.77 3.69
CA VAL A 90 -3.60 1.60 4.03
C VAL A 90 -3.64 2.92 3.28
N GLN A 91 -3.48 4.01 4.01
CA GLN A 91 -3.48 5.33 3.41
C GLN A 91 -2.06 5.76 3.11
N VAL A 92 -1.80 6.08 1.84
CA VAL A 92 -0.46 6.48 1.43
C VAL A 92 -0.34 8.00 1.28
N ILE A 93 0.90 8.46 1.13
CA ILE A 93 1.17 9.87 0.93
C ILE A 93 2.28 10.05 -0.09
N VAL A 94 2.03 10.92 -1.05
CA VAL A 94 2.99 11.21 -2.12
C VAL A 94 3.13 12.72 -2.30
N SER A 95 4.18 13.28 -1.72
CA SER A 95 4.44 14.72 -1.82
C SER A 95 5.55 14.99 -2.82
N GLN A 96 5.64 14.16 -3.86
CA GLN A 96 6.66 14.32 -4.88
C GLN A 96 6.02 14.49 -6.26
N PRO A 97 5.32 15.62 -6.49
CA PRO A 97 4.66 15.89 -7.77
C PRO A 97 5.65 16.25 -8.87
N VAL A 98 6.89 16.54 -8.49
CA VAL A 98 7.93 16.90 -9.45
C VAL A 98 8.81 15.70 -9.79
N GLN A 99 9.02 14.82 -8.81
CA GLN A 99 9.84 13.64 -9.01
C GLN A 99 9.20 12.69 -10.02
N ASN A 100 9.44 12.96 -11.30
CA ASN A 100 8.88 12.12 -12.36
C ASN A 100 9.71 12.24 -13.64
N GLY A 21 -1.65 -15.64 3.25
CA GLY A 21 -1.10 -16.98 2.92
C GLY A 21 -1.05 -17.24 1.42
N TYR A 22 -2.17 -17.63 0.85
CA TYR A 22 -2.25 -17.91 -0.59
C TYR A 22 -2.77 -16.69 -1.35
N GLU A 23 -4.05 -16.39 -1.16
CA GLU A 23 -4.68 -15.26 -1.83
C GLU A 23 -4.95 -14.13 -0.85
N CYS A 24 -4.43 -12.95 -1.15
CA CYS A 24 -4.62 -11.78 -0.29
C CYS A 24 -4.79 -10.51 -1.13
N GLN A 25 -5.36 -9.47 -0.53
CA GLN A 25 -5.57 -8.21 -1.23
C GLN A 25 -5.85 -7.09 -0.24
N LEU A 26 -5.12 -5.98 -0.40
CA LEU A 26 -5.26 -4.83 0.49
C LEU A 26 -5.61 -3.58 -0.33
N ARG A 27 -6.18 -2.56 0.33
CA ARG A 27 -6.55 -1.35 -0.40
C ARG A 27 -5.74 -0.13 0.07
N LEU A 28 -5.47 0.76 -0.88
CA LEU A 28 -4.71 1.98 -0.61
C LEU A 28 -5.60 3.21 -0.77
N ARG A 29 -5.21 4.30 -0.10
CA ARG A 29 -5.93 5.56 -0.20
C ARG A 29 -4.91 6.68 -0.39
N LEU A 30 -4.71 7.10 -1.64
CA LEU A 30 -3.70 8.11 -1.94
C LEU A 30 -4.19 9.54 -1.68
N SER A 31 -3.23 10.39 -1.33
CA SER A 31 -3.50 11.80 -1.02
C SER A 31 -4.36 12.46 -2.09
N THR A 32 -4.36 11.88 -3.29
CA THR A 32 -5.16 12.42 -4.38
C THR A 32 -6.51 11.72 -4.43
N GLY A 33 -6.92 11.16 -3.30
CA GLY A 33 -8.18 10.46 -3.24
C GLY A 33 -8.14 9.25 -4.13
N LYS A 34 -7.03 8.52 -4.08
CA LYS A 34 -6.85 7.35 -4.92
C LYS A 34 -6.94 6.06 -4.12
N ASP A 35 -8.13 5.48 -4.10
CA ASP A 35 -8.37 4.25 -3.39
C ASP A 35 -8.51 3.10 -4.36
N LEU A 36 -7.60 2.15 -4.24
CA LEU A 36 -7.57 0.99 -5.11
C LEU A 36 -6.85 -0.15 -4.41
N LYS A 37 -7.49 -1.30 -4.36
CA LYS A 37 -6.89 -2.44 -3.69
C LYS A 37 -6.06 -3.30 -4.63
N LEU A 38 -4.79 -3.45 -4.29
CA LEU A 38 -3.86 -4.25 -5.07
C LEU A 38 -3.76 -5.67 -4.48
N VAL A 39 -3.66 -6.66 -5.35
CA VAL A 39 -3.56 -8.04 -4.93
C VAL A 39 -2.20 -8.31 -4.28
N VAL A 40 -2.19 -9.16 -3.26
CA VAL A 40 -0.98 -9.50 -2.55
C VAL A 40 -1.06 -10.91 -2.01
N ARG A 41 0.06 -11.43 -1.53
CA ARG A 41 0.09 -12.78 -1.01
C ARG A 41 1.32 -13.01 -0.14
N SER A 42 1.11 -12.98 1.18
CA SER A 42 2.15 -13.20 2.21
C SER A 42 3.54 -12.65 1.85
N THR A 43 4.03 -12.92 0.64
CA THR A 43 5.33 -12.44 0.23
C THR A 43 5.26 -11.06 -0.39
N ASP A 44 4.04 -10.57 -0.62
CA ASP A 44 3.86 -9.25 -1.22
C ASP A 44 3.99 -8.14 -0.17
N THR A 45 2.98 -8.00 0.69
CA THR A 45 2.98 -6.98 1.74
C THR A 45 3.21 -5.58 1.19
N VAL A 46 2.85 -4.58 1.99
CA VAL A 46 2.99 -3.17 1.62
C VAL A 46 4.23 -2.92 0.74
N PHE A 47 5.28 -3.72 0.92
CA PHE A 47 6.49 -3.58 0.11
C PHE A 47 6.18 -3.89 -1.34
N HIS A 48 5.90 -5.16 -1.62
CA HIS A 48 5.52 -5.53 -2.98
C HIS A 48 4.27 -4.75 -3.34
N MET A 49 3.38 -4.65 -2.36
CA MET A 49 2.17 -3.87 -2.51
C MET A 49 2.57 -2.54 -3.14
N LYS A 50 3.62 -1.96 -2.55
CA LYS A 50 4.18 -0.71 -3.02
C LYS A 50 4.81 -0.94 -4.38
N ARG A 51 5.43 -2.11 -4.55
CA ARG A 51 6.05 -2.45 -5.81
C ARG A 51 5.04 -2.26 -6.94
N ARG A 52 3.96 -3.02 -6.86
CA ARG A 52 2.89 -2.94 -7.84
C ARG A 52 2.04 -1.70 -7.62
N LEU A 53 2.23 -1.04 -6.48
CA LEU A 53 1.49 0.19 -6.19
C LEU A 53 1.89 1.24 -7.21
N HIS A 54 3.18 1.49 -7.35
CA HIS A 54 3.67 2.43 -8.33
C HIS A 54 3.43 1.89 -9.74
N ALA A 55 3.74 0.61 -9.92
CA ALA A 55 3.57 -0.05 -11.22
C ALA A 55 2.12 0.03 -11.69
N ALA A 56 1.18 -0.14 -10.77
CA ALA A 56 -0.25 -0.10 -11.11
C ALA A 56 -0.81 1.32 -11.00
N GLU A 57 -0.47 2.00 -9.91
CA GLU A 57 -0.96 3.35 -9.69
C GLU A 57 0.01 4.39 -10.27
N GLY A 58 1.21 4.44 -9.74
CA GLY A 58 2.21 5.38 -10.23
C GLY A 58 3.01 6.04 -9.12
N VAL A 59 2.63 5.80 -7.87
CA VAL A 59 3.33 6.38 -6.73
C VAL A 59 4.46 5.48 -6.24
N GLU A 60 5.70 5.94 -6.42
CA GLU A 60 6.89 5.20 -6.00
C GLU A 60 7.11 5.35 -4.48
N PRO A 61 8.06 4.58 -3.91
CA PRO A 61 8.37 4.64 -2.47
C PRO A 61 8.44 6.07 -1.95
N GLY A 62 9.21 6.92 -2.64
CA GLY A 62 9.34 8.30 -2.21
C GLY A 62 7.99 8.98 -2.05
N SER A 63 7.05 8.61 -2.90
CA SER A 63 5.70 9.18 -2.86
C SER A 63 4.72 8.25 -2.15
N GLN A 64 5.21 7.09 -1.72
CA GLN A 64 4.36 6.11 -1.04
C GLN A 64 4.51 6.21 0.47
N ARG A 65 4.00 7.30 1.04
CA ARG A 65 4.07 7.48 2.50
C ARG A 65 2.95 6.69 3.16
N TRP A 66 3.27 5.46 3.56
CA TRP A 66 2.29 4.58 4.20
C TRP A 66 1.93 5.07 5.60
N PHE A 67 0.63 5.14 5.86
CA PHE A 67 0.14 5.61 7.14
C PHE A 67 -1.10 4.82 7.58
N PHE A 68 -0.91 3.88 8.49
CA PHE A 68 -2.00 3.06 9.00
C PHE A 68 -2.32 3.46 10.44
N SER A 69 -3.61 3.72 10.70
CA SER A 69 -4.04 4.12 12.03
C SER A 69 -3.38 5.43 12.46
N GLY A 70 -2.74 6.11 11.52
CA GLY A 70 -2.08 7.37 11.81
C GLY A 70 -0.62 7.20 12.18
N ARG A 71 -0.01 6.15 11.65
CA ARG A 71 1.40 5.87 11.91
C ARG A 71 2.07 5.33 10.65
N PRO A 72 3.41 5.39 10.57
CA PRO A 72 4.15 4.91 9.40
C PRO A 72 4.08 3.39 9.29
N LEU A 73 3.29 2.91 8.35
CA LEU A 73 3.11 1.47 8.15
C LEU A 73 4.37 0.83 7.58
N THR A 74 4.54 -0.46 7.86
CA THR A 74 5.70 -1.22 7.38
C THR A 74 5.41 -1.81 6.00
N ASP A 75 6.47 -2.26 5.32
CA ASP A 75 6.35 -2.84 3.99
C ASP A 75 6.13 -4.34 4.05
N LYS A 76 5.99 -4.89 5.26
CA LYS A 76 5.77 -6.32 5.44
C LYS A 76 4.53 -6.55 6.31
N MET A 77 3.47 -5.80 6.01
CA MET A 77 2.23 -5.86 6.77
C MET A 77 1.21 -6.88 6.27
N LYS A 78 1.23 -7.23 4.98
CA LYS A 78 0.24 -8.16 4.45
C LYS A 78 0.25 -9.48 5.22
N PHE A 79 1.34 -10.22 5.09
CA PHE A 79 1.46 -11.49 5.79
C PHE A 79 1.44 -11.32 7.31
N GLU A 80 1.51 -10.07 7.79
CA GLU A 80 1.52 -9.82 9.22
C GLU A 80 0.11 -9.63 9.79
N GLU A 81 -0.77 -9.06 8.98
CA GLU A 81 -2.13 -8.81 9.41
C GLU A 81 -3.00 -9.99 9.03
N LEU A 82 -3.07 -10.25 7.73
CA LEU A 82 -3.84 -11.34 7.17
C LEU A 82 -5.34 -11.07 7.24
N LYS A 83 -5.72 -10.03 7.99
CA LYS A 83 -7.13 -9.68 8.14
C LYS A 83 -7.46 -8.42 7.35
N ILE A 84 -6.78 -8.24 6.23
CA ILE A 84 -7.01 -7.07 5.39
C ILE A 84 -7.53 -7.45 3.99
N PRO A 85 -8.42 -8.46 3.87
CA PRO A 85 -8.97 -8.88 2.59
C PRO A 85 -10.09 -7.96 2.10
N LYS A 86 -9.71 -6.86 1.45
CA LYS A 86 -10.69 -5.90 0.94
C LYS A 86 -11.46 -5.23 2.08
N ASP A 87 -10.97 -5.41 3.31
CA ASP A 87 -11.62 -4.83 4.48
C ASP A 87 -10.75 -3.77 5.12
N TYR A 88 -9.43 -3.89 4.94
CA TYR A 88 -8.49 -2.94 5.51
C TYR A 88 -7.81 -2.11 4.41
N VAL A 89 -7.50 -0.87 4.77
CA VAL A 89 -6.88 0.04 3.83
C VAL A 89 -5.77 0.85 4.47
N VAL A 90 -4.66 1.00 3.75
CA VAL A 90 -3.53 1.76 4.22
C VAL A 90 -3.56 3.15 3.63
N GLN A 91 -3.08 4.13 4.39
CA GLN A 91 -3.06 5.49 3.93
C GLN A 91 -1.76 5.76 3.23
N VAL A 92 -1.80 6.64 2.25
CA VAL A 92 -0.62 6.95 1.47
C VAL A 92 -0.54 8.44 1.15
N ILE A 93 0.67 8.99 1.22
CA ILE A 93 0.88 10.39 0.92
C ILE A 93 1.90 10.55 -0.20
N VAL A 94 1.46 11.22 -1.25
CA VAL A 94 2.30 11.48 -2.41
C VAL A 94 2.35 12.97 -2.72
N SER A 95 3.39 13.64 -2.22
CA SER A 95 3.55 15.07 -2.45
C SER A 95 4.84 15.35 -3.20
N GLN A 96 5.25 14.41 -4.05
CA GLN A 96 6.47 14.55 -4.83
C GLN A 96 6.15 14.62 -6.32
N PRO A 97 5.78 15.82 -6.82
CA PRO A 97 5.44 16.03 -8.23
C PRO A 97 6.51 15.48 -9.17
N VAL A 98 7.75 15.92 -8.98
CA VAL A 98 8.86 15.47 -9.81
C VAL A 98 10.15 15.35 -9.00
N GLN A 99 10.02 14.83 -7.78
CA GLN A 99 11.17 14.66 -6.90
C GLN A 99 11.09 13.34 -6.14
N ASN A 100 12.16 12.99 -5.44
CA ASN A 100 12.21 11.75 -4.67
C ASN A 100 11.90 12.01 -3.20
N GLY A 21 -6.49 -21.56 -3.44
CA GLY A 21 -5.42 -21.21 -2.48
C GLY A 21 -5.76 -19.99 -1.63
N TYR A 22 -4.81 -19.55 -0.83
CA TYR A 22 -5.02 -18.39 0.04
C TYR A 22 -4.32 -17.16 -0.52
N GLU A 23 -5.11 -16.12 -0.77
CA GLU A 23 -4.57 -14.88 -1.32
C GLU A 23 -4.97 -13.68 -0.45
N CYS A 24 -4.12 -12.67 -0.41
CA CYS A 24 -4.39 -11.48 0.38
C CYS A 24 -4.59 -10.27 -0.53
N GLN A 25 -5.11 -9.18 0.05
CA GLN A 25 -5.36 -7.96 -0.71
C GLN A 25 -5.64 -6.80 0.24
N LEU A 26 -4.98 -5.67 0.01
CA LEU A 26 -5.16 -4.50 0.85
C LEU A 26 -5.47 -3.25 0.02
N ARG A 27 -6.35 -2.40 0.55
CA ARG A 27 -6.75 -1.18 -0.16
C ARG A 27 -5.77 -0.04 0.15
N LEU A 28 -5.58 0.84 -0.82
CA LEU A 28 -4.69 1.99 -0.65
C LEU A 28 -5.47 3.29 -0.83
N ARG A 29 -5.01 4.33 -0.17
CA ARG A 29 -5.65 5.65 -0.27
C ARG A 29 -4.59 6.72 -0.53
N LEU A 30 -4.45 7.14 -1.79
CA LEU A 30 -3.44 8.12 -2.15
C LEU A 30 -3.96 9.55 -1.98
N SER A 31 -3.03 10.42 -1.56
CA SER A 31 -3.34 11.83 -1.35
C SER A 31 -3.96 12.46 -2.59
N THR A 32 -3.80 11.83 -3.75
CA THR A 32 -4.37 12.35 -4.98
C THR A 32 -5.75 11.76 -5.21
N GLY A 33 -6.27 11.09 -4.18
CA GLY A 33 -7.57 10.48 -4.29
C GLY A 33 -7.47 9.16 -5.00
N LYS A 34 -6.40 8.43 -4.72
CA LYS A 34 -6.18 7.15 -5.37
C LYS A 34 -6.42 5.99 -4.42
N ASP A 35 -7.64 5.49 -4.43
CA ASP A 35 -8.02 4.38 -3.58
C ASP A 35 -8.16 3.10 -4.40
N LEU A 36 -7.19 2.22 -4.25
CA LEU A 36 -7.17 0.96 -4.98
C LEU A 36 -6.58 -0.15 -4.14
N LYS A 37 -7.08 -1.35 -4.33
CA LYS A 37 -6.61 -2.51 -3.58
C LYS A 37 -5.76 -3.42 -4.45
N LEU A 38 -4.53 -3.67 -4.00
CA LEU A 38 -3.61 -4.53 -4.71
C LEU A 38 -3.64 -5.94 -4.12
N VAL A 39 -3.37 -6.93 -4.96
CA VAL A 39 -3.35 -8.32 -4.53
C VAL A 39 -1.99 -8.66 -3.91
N VAL A 40 -2.00 -8.98 -2.63
CA VAL A 40 -0.78 -9.34 -1.92
C VAL A 40 -0.89 -10.73 -1.32
N ARG A 41 0.22 -11.25 -0.82
CA ARG A 41 0.24 -12.58 -0.25
C ARG A 41 1.40 -12.75 0.75
N SER A 42 1.10 -12.51 2.02
CA SER A 42 2.05 -12.63 3.13
C SER A 42 3.45 -12.09 2.83
N THR A 43 4.02 -12.44 1.70
CA THR A 43 5.33 -11.95 1.31
C THR A 43 5.21 -10.68 0.50
N ASP A 44 3.99 -10.35 0.09
CA ASP A 44 3.74 -9.14 -0.70
C ASP A 44 3.29 -7.98 0.20
N THR A 45 3.83 -7.94 1.42
CA THR A 45 3.51 -6.89 2.38
C THR A 45 3.73 -5.50 1.79
N VAL A 46 3.33 -4.47 2.52
CA VAL A 46 3.46 -3.07 2.09
C VAL A 46 4.68 -2.82 1.19
N PHE A 47 5.75 -3.57 1.37
CA PHE A 47 6.94 -3.42 0.53
C PHE A 47 6.60 -3.81 -0.89
N HIS A 48 6.23 -5.06 -1.09
CA HIS A 48 5.83 -5.50 -2.41
C HIS A 48 4.55 -4.77 -2.76
N MET A 49 3.68 -4.63 -1.76
CA MET A 49 2.46 -3.88 -1.93
C MET A 49 2.81 -2.54 -2.55
N LYS A 50 3.91 -1.99 -2.05
CA LYS A 50 4.44 -0.73 -2.53
C LYS A 50 5.05 -0.93 -3.91
N ARG A 51 5.65 -2.11 -4.11
CA ARG A 51 6.24 -2.43 -5.40
C ARG A 51 5.20 -2.25 -6.50
N ARG A 52 4.11 -2.99 -6.37
CA ARG A 52 3.01 -2.91 -7.32
C ARG A 52 2.27 -1.60 -7.15
N LEU A 53 2.39 -1.00 -5.96
CA LEU A 53 1.75 0.28 -5.69
C LEU A 53 2.19 1.29 -6.74
N HIS A 54 3.50 1.41 -6.92
CA HIS A 54 4.04 2.29 -7.93
C HIS A 54 3.62 1.82 -9.31
N ALA A 55 3.71 0.51 -9.52
CA ALA A 55 3.32 -0.09 -10.79
C ALA A 55 1.89 0.27 -11.19
N ALA A 56 0.99 0.30 -10.21
CA ALA A 56 -0.41 0.62 -10.47
C ALA A 56 -0.64 2.12 -10.71
N GLU A 57 -0.21 2.94 -9.76
CA GLU A 57 -0.40 4.40 -9.86
C GLU A 57 0.77 5.08 -10.55
N GLY A 58 1.98 4.89 -10.04
CA GLY A 58 3.16 5.52 -10.62
C GLY A 58 4.11 6.08 -9.57
N VAL A 59 3.72 6.00 -8.30
CA VAL A 59 4.54 6.48 -7.20
C VAL A 59 5.48 5.37 -6.73
N GLU A 60 6.71 5.38 -7.22
CA GLU A 60 7.71 4.37 -6.83
C GLU A 60 8.76 4.90 -5.85
N PRO A 61 9.16 6.20 -5.94
CA PRO A 61 10.17 6.75 -5.03
C PRO A 61 9.68 6.79 -3.59
N GLY A 62 10.24 7.70 -2.79
CA GLY A 62 9.82 7.82 -1.40
C GLY A 62 8.42 8.39 -1.26
N SER A 63 7.79 8.72 -2.39
CA SER A 63 6.45 9.28 -2.39
C SER A 63 5.41 8.26 -1.91
N GLN A 64 5.83 7.03 -1.61
CA GLN A 64 4.90 6.02 -1.13
C GLN A 64 4.98 5.90 0.39
N ARG A 65 4.50 6.93 1.09
CA ARG A 65 4.51 6.93 2.55
C ARG A 65 3.34 6.11 3.09
N TRP A 66 3.61 4.87 3.44
CA TRP A 66 2.58 3.96 3.96
C TRP A 66 2.20 4.32 5.39
N PHE A 67 0.91 4.40 5.65
CA PHE A 67 0.41 4.75 6.98
C PHE A 67 -1.02 4.24 7.19
N PHE A 68 -1.21 3.41 8.21
CA PHE A 68 -2.53 2.87 8.52
C PHE A 68 -3.08 3.48 9.80
N SER A 69 -4.16 4.24 9.68
CA SER A 69 -4.78 4.88 10.83
C SER A 69 -3.85 5.89 11.48
N GLY A 70 -2.76 6.24 10.79
CA GLY A 70 -1.82 7.20 11.33
C GLY A 70 -0.51 6.57 11.78
N ARG A 71 -0.33 5.30 11.44
CA ARG A 71 0.90 4.58 11.81
C ARG A 71 1.66 4.15 10.56
N PRO A 72 2.98 4.40 10.50
CA PRO A 72 3.79 4.03 9.34
C PRO A 72 3.95 2.52 9.21
N LEU A 73 3.47 1.97 8.08
CA LEU A 73 3.54 0.54 7.85
C LEU A 73 4.94 0.10 7.43
N THR A 74 5.19 -1.21 7.53
CA THR A 74 6.49 -1.77 7.17
C THR A 74 6.33 -2.89 6.13
N ASP A 75 7.43 -3.58 5.85
CA ASP A 75 7.46 -4.66 4.88
C ASP A 75 7.09 -6.00 5.52
N LYS A 76 6.16 -5.95 6.46
CA LYS A 76 5.72 -7.15 7.16
C LYS A 76 4.29 -6.97 7.67
N MET A 77 3.54 -6.11 6.99
CA MET A 77 2.18 -5.82 7.38
C MET A 77 1.18 -6.85 6.82
N LYS A 78 1.33 -7.23 5.56
CA LYS A 78 0.38 -8.15 4.95
C LYS A 78 0.26 -9.45 5.72
N PHE A 79 1.38 -10.14 5.87
CA PHE A 79 1.38 -11.42 6.57
C PHE A 79 1.05 -11.27 8.05
N GLU A 80 1.20 -10.07 8.62
CA GLU A 80 0.93 -9.89 10.04
C GLU A 80 -0.51 -9.47 10.29
N GLU A 81 -1.17 -8.99 9.26
CA GLU A 81 -2.55 -8.55 9.37
C GLU A 81 -3.47 -9.71 9.04
N LEU A 82 -3.41 -10.12 7.77
CA LEU A 82 -4.21 -11.22 7.27
C LEU A 82 -5.68 -10.86 7.14
N LYS A 83 -6.09 -9.78 7.80
CA LYS A 83 -7.48 -9.35 7.75
C LYS A 83 -7.64 -8.14 6.83
N ILE A 84 -6.82 -8.09 5.79
CA ILE A 84 -6.87 -6.99 4.84
C ILE A 84 -7.88 -7.21 3.70
N PRO A 85 -8.23 -8.48 3.37
CA PRO A 85 -9.17 -8.78 2.30
C PRO A 85 -10.42 -7.89 2.33
N LYS A 86 -10.35 -6.76 1.63
CA LYS A 86 -11.47 -5.82 1.56
C LYS A 86 -11.89 -5.33 2.95
N ASP A 87 -11.01 -5.50 3.93
CA ASP A 87 -11.32 -5.07 5.30
C ASP A 87 -10.41 -3.94 5.75
N TYR A 88 -9.13 -4.00 5.38
CA TYR A 88 -8.17 -2.98 5.75
C TYR A 88 -7.72 -2.14 4.55
N VAL A 89 -7.27 -0.93 4.84
CA VAL A 89 -6.81 -0.01 3.80
C VAL A 89 -5.63 0.83 4.32
N VAL A 90 -4.50 0.74 3.63
CA VAL A 90 -3.32 1.50 4.02
C VAL A 90 -3.34 2.87 3.39
N GLN A 91 -2.98 3.87 4.17
CA GLN A 91 -2.93 5.23 3.68
C GLN A 91 -1.56 5.50 3.12
N VAL A 92 -1.49 6.42 2.17
CA VAL A 92 -0.22 6.74 1.54
C VAL A 92 -0.04 8.23 1.36
N ILE A 93 1.21 8.68 1.35
CA ILE A 93 1.51 10.09 1.15
C ILE A 93 2.52 10.29 0.02
N VAL A 94 2.06 10.96 -1.02
CA VAL A 94 2.88 11.26 -2.19
C VAL A 94 2.73 12.73 -2.56
N SER A 95 3.64 13.56 -2.06
CA SER A 95 3.59 15.00 -2.32
C SER A 95 4.60 15.40 -3.40
N GLN A 96 4.80 14.52 -4.37
CA GLN A 96 5.74 14.80 -5.46
C GLN A 96 5.08 14.57 -6.83
N PRO A 97 4.14 15.45 -7.21
CA PRO A 97 3.44 15.33 -8.49
C PRO A 97 4.40 15.16 -9.66
N VAL A 98 5.63 15.64 -9.48
CA VAL A 98 6.65 15.54 -10.52
C VAL A 98 8.04 15.38 -9.91
N GLN A 99 8.30 16.13 -8.84
CA GLN A 99 9.59 16.09 -8.16
C GLN A 99 9.63 17.07 -7.00
N ASN A 100 9.21 18.31 -7.27
CA ASN A 100 9.19 19.35 -6.25
C ASN A 100 10.59 19.56 -5.67
N GLY A 21 -6.80 -19.26 2.71
CA GLY A 21 -5.68 -18.63 3.47
C GLY A 21 -4.39 -18.58 2.66
N TYR A 22 -4.51 -18.43 1.36
CA TYR A 22 -3.35 -18.38 0.48
C TYR A 22 -3.45 -17.19 -0.47
N GLU A 23 -4.04 -16.10 0.01
CA GLU A 23 -4.19 -14.89 -0.79
C GLU A 23 -4.46 -13.68 0.09
N CYS A 24 -4.00 -12.52 -0.35
CA CYS A 24 -4.20 -11.27 0.39
C CYS A 24 -4.54 -10.14 -0.56
N GLN A 25 -5.28 -9.16 -0.05
CA GLN A 25 -5.68 -7.99 -0.85
C GLN A 25 -6.04 -6.84 0.07
N LEU A 26 -5.40 -5.69 -0.13
CA LEU A 26 -5.65 -4.51 0.69
C LEU A 26 -5.98 -3.29 -0.15
N ARG A 27 -6.74 -2.37 0.44
CA ARG A 27 -7.12 -1.14 -0.25
C ARG A 27 -6.08 -0.05 0.00
N LEU A 28 -5.72 0.68 -1.05
CA LEU A 28 -4.74 1.76 -0.93
C LEU A 28 -5.37 3.09 -1.25
N ARG A 29 -5.36 4.01 -0.30
CA ARG A 29 -5.92 5.33 -0.53
C ARG A 29 -4.79 6.35 -0.65
N LEU A 30 -4.49 6.77 -1.87
CA LEU A 30 -3.40 7.71 -2.10
C LEU A 30 -3.87 9.16 -1.97
N SER A 31 -2.95 10.01 -1.53
CA SER A 31 -3.24 11.44 -1.34
C SER A 31 -3.84 12.07 -2.58
N THR A 32 -3.65 11.44 -3.74
CA THR A 32 -4.20 11.97 -4.98
C THR A 32 -5.61 11.43 -5.20
N GLY A 33 -6.15 10.77 -4.18
CA GLY A 33 -7.47 10.19 -4.29
C GLY A 33 -7.42 8.88 -5.01
N LYS A 34 -6.39 8.10 -4.71
CA LYS A 34 -6.19 6.82 -5.36
C LYS A 34 -6.49 5.67 -4.42
N ASP A 35 -7.74 5.23 -4.40
CA ASP A 35 -8.13 4.12 -3.54
C ASP A 35 -8.37 2.86 -4.38
N LEU A 36 -7.32 2.07 -4.53
CA LEU A 36 -7.40 0.85 -5.31
C LEU A 36 -6.83 -0.31 -4.51
N LYS A 37 -7.62 -1.37 -4.39
CA LYS A 37 -7.21 -2.54 -3.64
C LYS A 37 -6.28 -3.43 -4.47
N LEU A 38 -5.00 -3.40 -4.10
CA LEU A 38 -3.98 -4.18 -4.78
C LEU A 38 -3.90 -5.59 -4.21
N VAL A 39 -3.69 -6.57 -5.08
CA VAL A 39 -3.58 -7.97 -4.66
C VAL A 39 -2.19 -8.26 -4.12
N VAL A 40 -2.11 -9.18 -3.18
CA VAL A 40 -0.86 -9.56 -2.55
C VAL A 40 -0.97 -10.94 -1.91
N ARG A 41 0.16 -11.51 -1.52
CA ARG A 41 0.17 -12.81 -0.91
C ARG A 41 1.34 -12.95 0.08
N SER A 42 1.03 -12.77 1.36
CA SER A 42 2.00 -12.89 2.47
C SER A 42 3.39 -12.30 2.16
N THR A 43 3.96 -12.64 1.01
CA THR A 43 5.27 -12.12 0.63
C THR A 43 5.13 -10.76 -0.04
N ASP A 44 3.91 -10.41 -0.44
CA ASP A 44 3.67 -9.14 -1.11
C ASP A 44 3.19 -8.08 -0.11
N THR A 45 3.83 -8.05 1.05
CA THR A 45 3.49 -7.07 2.09
C THR A 45 3.65 -5.64 1.59
N VAL A 46 3.18 -4.68 2.38
CA VAL A 46 3.24 -3.26 2.05
C VAL A 46 4.43 -2.90 1.13
N PHE A 47 5.55 -3.60 1.27
CA PHE A 47 6.70 -3.36 0.42
C PHE A 47 6.36 -3.71 -1.02
N HIS A 48 6.20 -4.99 -1.30
CA HIS A 48 5.81 -5.41 -2.64
C HIS A 48 4.51 -4.70 -2.96
N MET A 49 3.64 -4.62 -1.96
CA MET A 49 2.39 -3.92 -2.08
C MET A 49 2.68 -2.56 -2.70
N LYS A 50 3.69 -1.91 -2.14
CA LYS A 50 4.13 -0.62 -2.62
C LYS A 50 4.76 -0.79 -3.99
N ARG A 51 5.42 -1.93 -4.19
CA ARG A 51 6.03 -2.24 -5.47
C ARG A 51 4.99 -2.15 -6.58
N ARG A 52 3.85 -2.77 -6.34
CA ARG A 52 2.74 -2.75 -7.27
C ARG A 52 1.94 -1.47 -7.09
N LEU A 53 2.10 -0.84 -5.93
CA LEU A 53 1.42 0.42 -5.65
C LEU A 53 1.85 1.46 -6.67
N HIS A 54 3.12 1.39 -7.05
CA HIS A 54 3.67 2.28 -8.05
C HIS A 54 3.35 1.74 -9.43
N ALA A 55 3.49 0.43 -9.60
CA ALA A 55 3.20 -0.21 -10.87
C ALA A 55 1.73 -0.02 -11.25
N ALA A 56 0.87 0.14 -10.23
CA ALA A 56 -0.55 0.33 -10.46
C ALA A 56 -0.89 1.79 -10.78
N GLU A 57 -0.65 2.69 -9.82
CA GLU A 57 -0.97 4.10 -10.01
C GLU A 57 0.21 4.87 -10.60
N GLY A 58 1.44 4.55 -10.16
CA GLY A 58 2.60 5.25 -10.68
C GLY A 58 3.42 5.93 -9.58
N VAL A 59 3.12 5.62 -8.34
CA VAL A 59 3.85 6.18 -7.21
C VAL A 59 5.05 5.31 -6.86
N GLU A 60 6.10 5.42 -7.67
CA GLU A 60 7.31 4.63 -7.45
C GLU A 60 8.38 5.38 -6.64
N PRO A 61 8.46 6.73 -6.72
CA PRO A 61 9.47 7.49 -5.98
C PRO A 61 9.13 7.62 -4.49
N GLY A 62 9.71 8.62 -3.84
CA GLY A 62 9.44 8.84 -2.42
C GLY A 62 7.97 9.16 -2.13
N SER A 63 7.15 9.19 -3.18
CA SER A 63 5.73 9.48 -3.03
C SER A 63 4.97 8.30 -2.41
N GLN A 64 5.68 7.26 -2.00
CA GLN A 64 5.04 6.10 -1.38
C GLN A 64 5.10 6.17 0.13
N ARG A 65 4.26 7.02 0.72
CA ARG A 65 4.21 7.14 2.18
C ARG A 65 3.17 6.19 2.75
N TRP A 66 3.62 4.99 3.10
CA TRP A 66 2.76 3.93 3.64
C TRP A 66 2.37 4.18 5.10
N PHE A 67 1.06 4.19 5.37
CA PHE A 67 0.55 4.42 6.72
C PHE A 67 -0.80 3.76 6.92
N PHE A 68 -0.93 3.03 8.03
CA PHE A 68 -2.18 2.35 8.37
C PHE A 68 -2.85 3.04 9.56
N SER A 69 -4.01 3.63 9.31
CA SER A 69 -4.76 4.32 10.36
C SER A 69 -3.98 5.54 10.87
N GLY A 70 -2.92 5.92 10.15
CA GLY A 70 -2.12 7.06 10.55
C GLY A 70 -0.71 6.67 10.96
N ARG A 71 -0.52 5.41 11.32
CA ARG A 71 0.79 4.93 11.74
C ARG A 71 1.58 4.44 10.53
N PRO A 72 2.91 4.61 10.55
CA PRO A 72 3.78 4.17 9.44
C PRO A 72 3.85 2.65 9.35
N LEU A 73 3.33 2.10 8.25
CA LEU A 73 3.34 0.66 8.05
C LEU A 73 4.75 0.14 7.79
N THR A 74 4.89 -1.19 7.80
CA THR A 74 6.18 -1.83 7.56
C THR A 74 6.15 -2.64 6.25
N ASP A 75 7.29 -3.21 5.91
CA ASP A 75 7.45 -4.01 4.71
C ASP A 75 7.16 -5.48 4.97
N LYS A 76 6.30 -5.74 5.94
CA LYS A 76 5.94 -7.11 6.29
C LYS A 76 4.58 -7.13 6.98
N MET A 77 3.70 -6.24 6.55
CA MET A 77 2.37 -6.14 7.14
C MET A 77 1.38 -7.15 6.57
N LYS A 78 1.50 -7.51 5.30
CA LYS A 78 0.52 -8.42 4.71
C LYS A 78 0.46 -9.73 5.47
N PHE A 79 1.52 -10.51 5.40
CA PHE A 79 1.56 -11.78 6.11
C PHE A 79 1.54 -11.59 7.63
N GLU A 80 1.74 -10.35 8.09
CA GLU A 80 1.76 -10.09 9.54
C GLU A 80 0.38 -9.72 10.07
N GLU A 81 -0.44 -9.13 9.22
CA GLU A 81 -1.77 -8.70 9.62
C GLU A 81 -2.78 -9.79 9.36
N LEU A 82 -2.89 -10.15 8.09
CA LEU A 82 -3.83 -11.18 7.67
C LEU A 82 -5.28 -10.75 7.92
N LYS A 83 -5.46 -9.49 8.33
CA LYS A 83 -6.79 -8.97 8.62
C LYS A 83 -7.27 -8.04 7.51
N ILE A 84 -6.42 -7.81 6.51
CA ILE A 84 -6.77 -6.95 5.40
C ILE A 84 -7.07 -7.75 4.13
N PRO A 85 -8.22 -8.44 4.09
CA PRO A 85 -8.63 -9.24 2.93
C PRO A 85 -9.15 -8.35 1.79
N LYS A 86 -9.68 -7.19 2.15
CA LYS A 86 -10.22 -6.25 1.18
C LYS A 86 -10.85 -5.05 1.88
N ASP A 87 -11.37 -5.27 3.09
CA ASP A 87 -12.01 -4.21 3.85
C ASP A 87 -10.99 -3.18 4.33
N TYR A 88 -9.98 -3.64 5.07
CA TYR A 88 -8.95 -2.75 5.58
C TYR A 88 -8.24 -2.00 4.45
N VAL A 89 -7.73 -0.82 4.76
CA VAL A 89 -7.08 0.02 3.77
C VAL A 89 -5.87 0.75 4.34
N VAL A 90 -4.77 0.74 3.59
CA VAL A 90 -3.56 1.42 4.01
C VAL A 90 -3.54 2.82 3.42
N GLN A 91 -3.38 3.82 4.28
CA GLN A 91 -3.37 5.19 3.85
C GLN A 91 -1.97 5.60 3.44
N VAL A 92 -1.83 5.94 2.17
CA VAL A 92 -0.56 6.33 1.61
C VAL A 92 -0.53 7.84 1.34
N ILE A 93 0.65 8.37 1.05
CA ILE A 93 0.77 9.79 0.75
C ILE A 93 1.72 10.01 -0.42
N VAL A 94 1.20 10.66 -1.44
CA VAL A 94 1.96 10.98 -2.66
C VAL A 94 1.68 12.41 -3.11
N SER A 95 2.59 13.31 -2.78
CA SER A 95 2.45 14.71 -3.15
C SER A 95 3.77 15.30 -3.62
N GLN A 96 4.34 14.69 -4.67
CA GLN A 96 5.61 15.15 -5.21
C GLN A 96 5.39 16.22 -6.29
N PRO A 97 5.73 17.48 -5.98
CA PRO A 97 5.57 18.58 -6.92
C PRO A 97 6.63 18.57 -8.01
N VAL A 98 7.81 18.03 -7.68
CA VAL A 98 8.90 17.95 -8.63
C VAL A 98 9.97 16.99 -8.14
N GLN A 99 9.53 15.90 -7.50
CA GLN A 99 10.44 14.88 -6.98
C GLN A 99 11.32 15.46 -5.88
N ASN A 100 10.98 15.14 -4.63
CA ASN A 100 11.73 15.63 -3.49
C ASN A 100 13.09 14.93 -3.38
N GLY A 21 -7.09 -18.88 -5.04
CA GLY A 21 -6.36 -20.03 -4.44
C GLY A 21 -5.38 -19.59 -3.37
N TYR A 22 -5.90 -19.24 -2.20
CA TYR A 22 -5.06 -18.81 -1.09
C TYR A 22 -4.25 -17.56 -1.47
N GLU A 23 -4.96 -16.45 -1.64
CA GLU A 23 -4.31 -15.19 -2.02
C GLU A 23 -4.70 -14.07 -1.06
N CYS A 24 -4.01 -12.94 -1.19
CA CYS A 24 -4.28 -11.79 -0.33
C CYS A 24 -4.44 -10.53 -1.18
N GLN A 25 -5.19 -9.55 -0.67
CA GLN A 25 -5.42 -8.32 -1.38
C GLN A 25 -6.05 -7.28 -0.46
N LEU A 26 -5.52 -6.07 -0.50
CA LEU A 26 -6.04 -4.98 0.34
C LEU A 26 -6.19 -3.69 -0.44
N ARG A 27 -6.86 -2.72 0.17
CA ARG A 27 -7.09 -1.43 -0.48
C ARG A 27 -6.04 -0.41 -0.05
N LEU A 28 -5.85 0.62 -0.89
CA LEU A 28 -4.90 1.69 -0.60
C LEU A 28 -5.57 3.04 -0.75
N ARG A 29 -4.98 4.05 -0.14
CA ARG A 29 -5.49 5.41 -0.23
C ARG A 29 -4.34 6.36 -0.53
N LEU A 30 -4.15 6.66 -1.82
CA LEU A 30 -3.04 7.52 -2.23
C LEU A 30 -3.49 8.94 -2.54
N SER A 31 -2.52 9.82 -2.75
CA SER A 31 -2.77 11.23 -3.05
C SER A 31 -3.75 11.86 -2.05
N THR A 32 -4.14 11.08 -1.05
CA THR A 32 -5.06 11.51 0.00
C THR A 32 -6.49 11.25 -0.43
N GLY A 33 -6.65 10.40 -1.44
CA GLY A 33 -7.97 10.08 -1.94
C GLY A 33 -7.90 9.18 -3.16
N LYS A 34 -6.87 8.34 -3.19
CA LYS A 34 -6.66 7.44 -4.29
C LYS A 34 -6.83 6.00 -3.81
N ASP A 35 -8.07 5.53 -3.79
CA ASP A 35 -8.37 4.20 -3.32
C ASP A 35 -8.31 3.19 -4.45
N LEU A 36 -7.41 2.25 -4.29
CA LEU A 36 -7.20 1.18 -5.23
C LEU A 36 -6.59 0.00 -4.51
N LYS A 37 -7.15 -1.17 -4.71
CA LYS A 37 -6.66 -2.35 -4.02
C LYS A 37 -5.66 -3.16 -4.85
N LEU A 38 -4.53 -3.48 -4.23
CA LEU A 38 -3.49 -4.25 -4.89
C LEU A 38 -3.46 -5.68 -4.33
N VAL A 39 -3.12 -6.63 -5.20
CA VAL A 39 -3.06 -8.04 -4.81
C VAL A 39 -1.70 -8.37 -4.19
N VAL A 40 -1.73 -9.03 -3.04
CA VAL A 40 -0.51 -9.41 -2.34
C VAL A 40 -0.62 -10.84 -1.81
N ARG A 41 0.50 -11.39 -1.35
CA ARG A 41 0.51 -12.75 -0.84
C ARG A 41 1.68 -12.97 0.10
N SER A 42 1.39 -12.93 1.41
CA SER A 42 2.38 -13.14 2.48
C SER A 42 3.75 -12.49 2.25
N THR A 43 4.31 -12.68 1.07
CA THR A 43 5.60 -12.08 0.75
C THR A 43 5.43 -10.73 0.08
N ASP A 44 4.19 -10.40 -0.29
CA ASP A 44 3.92 -9.13 -0.94
C ASP A 44 3.43 -8.07 0.04
N THR A 45 4.00 -8.06 1.24
CA THR A 45 3.63 -7.10 2.27
C THR A 45 3.81 -5.67 1.77
N VAL A 46 3.31 -4.71 2.56
CA VAL A 46 3.38 -3.27 2.24
C VAL A 46 4.61 -2.91 1.40
N PHE A 47 5.72 -3.62 1.60
CA PHE A 47 6.93 -3.37 0.83
C PHE A 47 6.70 -3.71 -0.63
N HIS A 48 6.42 -4.97 -0.91
CA HIS A 48 6.10 -5.35 -2.28
C HIS A 48 4.82 -4.64 -2.67
N MET A 49 3.89 -4.61 -1.72
CA MET A 49 2.64 -3.90 -1.90
C MET A 49 2.96 -2.52 -2.47
N LYS A 50 3.99 -1.93 -1.86
CA LYS A 50 4.49 -0.64 -2.26
C LYS A 50 5.19 -0.76 -3.61
N ARG A 51 5.88 -1.90 -3.79
CA ARG A 51 6.57 -2.16 -5.04
C ARG A 51 5.56 -2.07 -6.20
N ARG A 52 4.59 -2.97 -6.16
CA ARG A 52 3.55 -3.00 -7.17
C ARG A 52 2.74 -1.71 -7.13
N LEU A 53 2.78 -1.00 -6.00
CA LEU A 53 2.08 0.27 -5.89
C LEU A 53 2.55 1.22 -6.98
N HIS A 54 3.85 1.47 -7.00
CA HIS A 54 4.44 2.34 -8.02
C HIS A 54 4.15 1.75 -9.40
N ALA A 55 4.18 0.42 -9.48
CA ALA A 55 3.91 -0.27 -10.74
C ALA A 55 2.49 -0.05 -11.23
N ALA A 56 1.52 -0.06 -10.31
CA ALA A 56 0.12 0.13 -10.67
C ALA A 56 -0.28 1.60 -10.65
N GLU A 57 0.13 2.32 -9.62
CA GLU A 57 -0.21 3.73 -9.48
C GLU A 57 0.82 4.62 -10.15
N GLY A 58 2.05 4.60 -9.63
CA GLY A 58 3.10 5.42 -10.20
C GLY A 58 3.94 6.11 -9.15
N VAL A 59 3.49 6.05 -7.89
CA VAL A 59 4.21 6.67 -6.80
C VAL A 59 5.23 5.72 -6.18
N GLU A 60 6.50 5.94 -6.50
CA GLU A 60 7.59 5.12 -5.97
C GLU A 60 7.77 5.36 -4.47
N PRO A 61 8.44 4.43 -3.76
CA PRO A 61 8.69 4.55 -2.33
C PRO A 61 8.95 5.98 -1.87
N GLY A 62 9.90 6.64 -2.52
CA GLY A 62 10.23 8.01 -2.15
C GLY A 62 9.04 8.95 -2.23
N SER A 63 8.06 8.61 -3.06
CA SER A 63 6.87 9.43 -3.21
C SER A 63 5.72 8.83 -2.43
N GLN A 64 5.71 7.51 -2.32
CA GLN A 64 4.65 6.82 -1.63
C GLN A 64 5.06 6.45 -0.21
N ARG A 65 4.37 7.06 0.76
CA ARG A 65 4.64 6.78 2.17
C ARG A 65 3.48 5.97 2.77
N TRP A 66 3.82 4.82 3.35
CA TRP A 66 2.85 3.91 3.95
C TRP A 66 2.23 4.48 5.24
N PHE A 67 0.90 4.57 5.26
CA PHE A 67 0.20 5.09 6.43
C PHE A 67 -1.15 4.41 6.64
N PHE A 68 -1.25 3.62 7.71
CA PHE A 68 -2.49 2.92 8.04
C PHE A 68 -3.15 3.56 9.25
N SER A 69 -4.32 4.16 9.03
CA SER A 69 -5.07 4.80 10.10
C SER A 69 -4.29 5.98 10.70
N GLY A 70 -3.24 6.42 10.01
CA GLY A 70 -2.45 7.53 10.50
C GLY A 70 -1.13 7.11 11.09
N ARG A 71 -0.73 5.86 10.85
CA ARG A 71 0.52 5.33 11.36
C ARG A 71 1.37 4.75 10.23
N PRO A 72 2.70 4.83 10.34
CA PRO A 72 3.60 4.30 9.30
C PRO A 72 3.57 2.78 9.24
N LEU A 73 3.10 2.25 8.11
CA LEU A 73 3.00 0.79 7.94
C LEU A 73 4.35 0.17 7.61
N THR A 74 4.64 -0.96 8.25
CA THR A 74 5.91 -1.67 8.05
C THR A 74 6.00 -2.31 6.67
N ASP A 75 7.21 -2.74 6.31
CA ASP A 75 7.48 -3.38 5.03
C ASP A 75 7.13 -4.87 5.06
N LYS A 76 6.55 -5.32 6.18
CA LYS A 76 6.16 -6.71 6.34
C LYS A 76 4.83 -6.77 7.10
N MET A 77 3.90 -5.93 6.69
CA MET A 77 2.61 -5.84 7.34
C MET A 77 1.53 -6.77 6.76
N LYS A 78 1.62 -7.13 5.49
CA LYS A 78 0.57 -7.96 4.91
C LYS A 78 0.40 -9.26 5.69
N PHE A 79 1.38 -10.14 5.58
CA PHE A 79 1.32 -11.41 6.30
C PHE A 79 1.40 -11.19 7.82
N GLU A 80 1.69 -9.97 8.25
CA GLU A 80 1.81 -9.69 9.69
C GLU A 80 0.48 -9.26 10.31
N GLU A 81 -0.31 -8.52 9.56
CA GLU A 81 -1.58 -8.03 10.06
C GLU A 81 -2.67 -9.01 9.69
N LEU A 82 -2.73 -9.32 8.40
CA LEU A 82 -3.70 -10.26 7.87
C LEU A 82 -5.09 -9.65 7.82
N LYS A 83 -5.27 -8.50 8.48
CA LYS A 83 -6.54 -7.82 8.51
C LYS A 83 -6.53 -6.67 7.52
N ILE A 84 -6.09 -6.97 6.29
CA ILE A 84 -6.00 -5.97 5.25
C ILE A 84 -7.10 -6.11 4.18
N PRO A 85 -7.62 -7.33 3.92
CA PRO A 85 -8.69 -7.51 2.93
C PRO A 85 -9.97 -6.81 3.35
N LYS A 86 -11.09 -7.25 2.80
CA LYS A 86 -12.39 -6.69 3.12
C LYS A 86 -12.42 -5.17 2.88
N ASP A 87 -12.40 -4.38 3.96
CA ASP A 87 -12.44 -2.92 3.84
C ASP A 87 -11.16 -2.25 4.33
N TYR A 88 -10.22 -3.02 4.88
CA TYR A 88 -8.98 -2.43 5.38
C TYR A 88 -8.16 -1.82 4.24
N VAL A 89 -7.67 -0.61 4.45
CA VAL A 89 -6.90 0.09 3.44
C VAL A 89 -5.70 0.84 4.02
N VAL A 90 -4.57 0.73 3.34
CA VAL A 90 -3.36 1.41 3.77
C VAL A 90 -3.25 2.73 3.02
N GLN A 91 -3.34 3.82 3.77
CA GLN A 91 -3.30 5.13 3.16
C GLN A 91 -1.86 5.57 2.92
N VAL A 92 -1.56 5.92 1.68
CA VAL A 92 -0.24 6.38 1.33
C VAL A 92 -0.26 7.88 1.07
N ILE A 93 0.91 8.51 1.05
CA ILE A 93 0.99 9.94 0.80
C ILE A 93 2.19 10.31 -0.05
N VAL A 94 1.92 11.04 -1.12
CA VAL A 94 2.96 11.51 -2.05
C VAL A 94 2.84 13.02 -2.26
N SER A 95 3.66 13.77 -1.54
CA SER A 95 3.67 15.23 -1.64
C SER A 95 4.91 15.70 -2.38
N GLN A 96 5.31 14.96 -3.41
CA GLN A 96 6.49 15.30 -4.19
C GLN A 96 6.11 15.65 -5.63
N PRO A 97 5.74 16.92 -5.87
CA PRO A 97 5.35 17.38 -7.20
C PRO A 97 6.41 17.08 -8.25
N VAL A 98 7.66 16.95 -7.81
CA VAL A 98 8.77 16.66 -8.71
C VAL A 98 8.95 15.16 -8.89
N GLN A 99 8.54 14.38 -7.89
CA GLN A 99 8.67 12.93 -7.96
C GLN A 99 7.36 12.29 -8.41
N ASN A 100 6.69 12.95 -9.36
CA ASN A 100 5.42 12.44 -9.88
C ASN A 100 4.38 12.33 -8.77
N GLY A 21 -4.21 -17.07 -6.83
CA GLY A 21 -5.54 -16.40 -6.88
C GLY A 21 -5.60 -15.18 -5.97
N TYR A 22 -6.78 -14.92 -5.42
CA TYR A 22 -6.98 -13.78 -4.54
C TYR A 22 -6.90 -14.20 -3.08
N GLU A 23 -5.69 -14.13 -2.51
CA GLU A 23 -5.47 -14.51 -1.13
C GLU A 23 -5.57 -13.30 -0.20
N CYS A 24 -4.54 -12.46 -0.21
CA CYS A 24 -4.53 -11.27 0.62
C CYS A 24 -4.60 -10.00 -0.22
N GLN A 25 -5.78 -9.39 -0.28
CA GLN A 25 -5.97 -8.18 -1.06
C GLN A 25 -6.14 -6.98 -0.14
N LEU A 26 -5.09 -6.19 -0.02
CA LEU A 26 -5.10 -5.02 0.85
C LEU A 26 -5.50 -3.77 0.09
N ARG A 27 -6.34 -2.94 0.71
CA ARG A 27 -6.82 -1.71 0.08
C ARG A 27 -5.87 -0.53 0.37
N LEU A 28 -5.61 0.28 -0.64
CA LEU A 28 -4.74 1.44 -0.49
C LEU A 28 -5.51 2.73 -0.63
N ARG A 29 -5.01 3.78 0.02
CA ARG A 29 -5.65 5.10 -0.05
C ARG A 29 -4.58 6.18 -0.16
N LEU A 30 -4.29 6.59 -1.39
CA LEU A 30 -3.26 7.60 -1.66
C LEU A 30 -3.79 9.01 -1.47
N SER A 31 -2.87 9.90 -1.10
CA SER A 31 -3.19 11.30 -0.85
C SER A 31 -3.77 11.97 -2.09
N THR A 32 -3.52 11.39 -3.26
CA THR A 32 -4.04 11.94 -4.50
C THR A 32 -5.36 11.29 -4.85
N GLY A 33 -6.01 10.71 -3.84
CA GLY A 33 -7.26 10.04 -4.05
C GLY A 33 -7.03 8.74 -4.79
N LYS A 34 -5.92 8.08 -4.47
CA LYS A 34 -5.58 6.84 -5.14
C LYS A 34 -5.85 5.65 -4.25
N ASP A 35 -7.11 5.20 -4.27
CA ASP A 35 -7.54 4.09 -3.47
C ASP A 35 -7.69 2.85 -4.36
N LEU A 36 -6.80 1.90 -4.15
CA LEU A 36 -6.81 0.67 -4.93
C LEU A 36 -6.31 -0.50 -4.11
N LYS A 37 -7.11 -1.56 -4.07
CA LYS A 37 -6.75 -2.75 -3.31
C LYS A 37 -5.86 -3.66 -4.13
N LEU A 38 -4.56 -3.65 -3.80
CA LEU A 38 -3.58 -4.47 -4.51
C LEU A 38 -3.50 -5.87 -3.90
N VAL A 39 -3.28 -6.86 -4.77
CA VAL A 39 -3.16 -8.24 -4.35
C VAL A 39 -1.82 -8.50 -3.67
N VAL A 40 -1.83 -9.33 -2.63
CA VAL A 40 -0.61 -9.66 -1.90
C VAL A 40 -0.76 -11.01 -1.20
N ARG A 41 0.36 -11.55 -0.73
CA ARG A 41 0.36 -12.83 -0.04
C ARG A 41 1.56 -12.95 0.89
N SER A 42 1.30 -12.77 2.19
CA SER A 42 2.31 -12.86 3.26
C SER A 42 3.68 -12.28 2.92
N THR A 43 4.23 -12.63 1.76
CA THR A 43 5.52 -12.11 1.35
C THR A 43 5.38 -10.80 0.57
N ASP A 44 4.15 -10.47 0.19
CA ASP A 44 3.90 -9.24 -0.56
C ASP A 44 3.46 -8.10 0.35
N THR A 45 4.11 -7.98 1.50
CA THR A 45 3.79 -6.91 2.45
C THR A 45 3.95 -5.53 1.82
N VAL A 46 3.55 -4.49 2.55
CA VAL A 46 3.64 -3.10 2.08
C VAL A 46 4.81 -2.86 1.12
N PHE A 47 5.90 -3.61 1.27
CA PHE A 47 7.06 -3.49 0.38
C PHE A 47 6.67 -3.94 -1.02
N HIS A 48 6.33 -5.20 -1.16
CA HIS A 48 5.88 -5.69 -2.46
C HIS A 48 4.61 -4.93 -2.79
N MET A 49 3.77 -4.76 -1.77
CA MET A 49 2.56 -3.99 -1.91
C MET A 49 2.94 -2.66 -2.56
N LYS A 50 4.10 -2.16 -2.12
CA LYS A 50 4.69 -0.94 -2.63
C LYS A 50 5.19 -1.17 -4.04
N ARG A 51 5.75 -2.36 -4.24
CA ARG A 51 6.27 -2.74 -5.54
C ARG A 51 5.18 -2.61 -6.60
N ARG A 52 4.05 -3.26 -6.34
CA ARG A 52 2.93 -3.23 -7.26
C ARG A 52 2.15 -1.93 -7.14
N LEU A 53 2.26 -1.25 -5.99
CA LEU A 53 1.57 0.02 -5.81
C LEU A 53 2.09 1.03 -6.83
N HIS A 54 3.42 1.13 -6.92
CA HIS A 54 4.03 2.03 -7.88
C HIS A 54 3.71 1.56 -9.29
N ALA A 55 3.82 0.24 -9.49
CA ALA A 55 3.53 -0.35 -10.79
C ALA A 55 2.08 -0.11 -11.19
N ALA A 56 1.19 -0.10 -10.21
CA ALA A 56 -0.23 0.11 -10.48
C ALA A 56 -0.54 1.56 -10.85
N GLU A 57 -0.31 2.47 -9.91
CA GLU A 57 -0.57 3.89 -10.15
C GLU A 57 0.64 4.61 -10.73
N GLY A 58 1.80 4.47 -10.08
CA GLY A 58 3.00 5.14 -10.56
C GLY A 58 3.85 5.72 -9.45
N VAL A 59 3.40 5.56 -8.20
CA VAL A 59 4.13 6.06 -7.05
C VAL A 59 5.12 5.01 -6.55
N GLU A 60 6.39 5.20 -6.88
CA GLU A 60 7.44 4.25 -6.48
C GLU A 60 8.32 4.80 -5.35
N PRO A 61 9.00 5.95 -5.55
CA PRO A 61 9.88 6.53 -4.52
C PRO A 61 9.18 6.71 -3.18
N GLY A 62 9.76 7.54 -2.32
CA GLY A 62 9.18 7.77 -1.01
C GLY A 62 7.75 8.29 -1.08
N SER A 63 7.28 8.59 -2.29
CA SER A 63 5.93 9.10 -2.49
C SER A 63 4.88 8.15 -1.90
N GLN A 64 5.29 6.90 -1.63
CA GLN A 64 4.37 5.93 -1.06
C GLN A 64 4.48 5.89 0.46
N ARG A 65 4.02 6.95 1.13
CA ARG A 65 4.07 6.99 2.59
C ARG A 65 2.83 6.33 3.18
N TRP A 66 2.95 5.04 3.48
CA TRP A 66 1.84 4.24 4.02
C TRP A 66 1.48 4.65 5.44
N PHE A 67 0.19 4.63 5.74
CA PHE A 67 -0.31 5.00 7.07
C PHE A 67 -1.64 4.30 7.37
N PHE A 68 -1.66 3.54 8.46
CA PHE A 68 -2.87 2.82 8.85
C PHE A 68 -3.35 3.29 10.23
N SER A 69 -4.47 4.01 10.24
CA SER A 69 -5.04 4.52 11.48
C SER A 69 -4.11 5.52 12.17
N GLY A 70 -3.11 6.00 11.43
CA GLY A 70 -2.17 6.96 11.98
C GLY A 70 -0.80 6.37 12.25
N ARG A 71 -0.57 5.16 11.78
CA ARG A 71 0.72 4.49 11.97
C ARG A 71 1.38 4.19 10.63
N PRO A 72 2.67 4.52 10.47
CA PRO A 72 3.39 4.27 9.21
C PRO A 72 3.61 2.78 8.98
N LEU A 73 3.16 2.27 7.83
CA LEU A 73 3.32 0.84 7.53
C LEU A 73 4.73 0.54 7.03
N THR A 74 5.30 -0.55 7.54
CA THR A 74 6.64 -0.97 7.16
C THR A 74 6.62 -1.92 5.95
N ASP A 75 7.75 -2.54 5.67
CA ASP A 75 7.90 -3.46 4.56
C ASP A 75 7.59 -4.89 4.98
N LYS A 76 6.69 -5.03 5.93
CA LYS A 76 6.32 -6.35 6.45
C LYS A 76 4.98 -6.27 7.18
N MET A 77 4.10 -5.41 6.68
CA MET A 77 2.80 -5.21 7.31
C MET A 77 1.72 -6.20 6.84
N LYS A 78 1.80 -6.67 5.59
CA LYS A 78 0.75 -7.56 5.10
C LYS A 78 0.66 -8.80 6.00
N PHE A 79 1.66 -9.66 5.92
CA PHE A 79 1.68 -10.86 6.75
C PHE A 79 1.67 -10.52 8.25
N GLU A 80 1.83 -9.24 8.60
CA GLU A 80 1.85 -8.84 10.01
C GLU A 80 0.45 -8.49 10.50
N GLU A 81 -0.43 -8.08 9.58
CA GLU A 81 -1.78 -7.71 9.93
C GLU A 81 -2.68 -8.93 9.83
N LEU A 82 -2.72 -9.48 8.61
CA LEU A 82 -3.51 -10.66 8.32
C LEU A 82 -5.00 -10.36 8.31
N LYS A 83 -5.36 -9.13 8.71
CA LYS A 83 -6.77 -8.74 8.76
C LYS A 83 -7.10 -7.84 7.57
N ILE A 84 -6.61 -8.21 6.39
CA ILE A 84 -6.85 -7.44 5.18
C ILE A 84 -7.65 -8.22 4.14
N PRO A 85 -8.75 -8.89 4.55
CA PRO A 85 -9.59 -9.65 3.62
C PRO A 85 -10.44 -8.74 2.76
N LYS A 86 -9.78 -7.89 1.97
CA LYS A 86 -10.48 -6.96 1.10
C LYS A 86 -11.22 -5.90 1.91
N ASP A 87 -10.87 -5.78 3.19
CA ASP A 87 -11.50 -4.82 4.07
C ASP A 87 -10.53 -3.73 4.52
N TYR A 88 -9.53 -4.11 5.32
CA TYR A 88 -8.53 -3.17 5.82
C TYR A 88 -7.89 -2.38 4.67
N VAL A 89 -7.48 -1.17 4.99
CA VAL A 89 -6.87 -0.30 4.00
C VAL A 89 -5.73 0.53 4.59
N VAL A 90 -4.61 0.61 3.87
CA VAL A 90 -3.48 1.40 4.32
C VAL A 90 -3.49 2.76 3.65
N GLN A 91 -3.73 3.79 4.44
CA GLN A 91 -3.77 5.15 3.92
C GLN A 91 -2.37 5.64 3.59
N VAL A 92 -2.10 5.80 2.31
CA VAL A 92 -0.81 6.26 1.85
C VAL A 92 -0.90 7.70 1.32
N ILE A 93 0.25 8.37 1.22
CA ILE A 93 0.28 9.74 0.75
C ILE A 93 1.50 10.00 -0.13
N VAL A 94 1.22 10.60 -1.30
CA VAL A 94 2.27 10.94 -2.26
C VAL A 94 2.30 12.45 -2.47
N SER A 95 3.17 13.12 -1.72
CA SER A 95 3.30 14.57 -1.81
C SER A 95 4.42 14.97 -2.77
N GLN A 96 4.56 14.21 -3.86
CA GLN A 96 5.59 14.49 -4.85
C GLN A 96 5.02 14.39 -6.27
N PRO A 97 4.24 15.41 -6.68
CA PRO A 97 3.63 15.45 -8.01
C PRO A 97 4.66 15.69 -9.12
N VAL A 98 5.63 16.56 -8.83
CA VAL A 98 6.68 16.88 -9.80
C VAL A 98 8.01 17.11 -9.09
N GLN A 99 8.29 16.30 -8.08
CA GLN A 99 9.53 16.41 -7.33
C GLN A 99 10.60 15.47 -7.88
N ASN A 100 11.38 15.95 -8.84
CA ASN A 100 12.42 15.15 -9.45
C ASN A 100 13.72 15.24 -8.65
N GLY A 21 -2.67 -16.96 4.40
CA GLY A 21 -2.36 -15.82 3.50
C GLY A 21 -2.25 -16.24 2.05
N TYR A 22 -3.37 -16.62 1.45
CA TYR A 22 -3.40 -17.04 0.05
C TYR A 22 -3.92 -15.92 -0.84
N GLU A 23 -5.16 -15.50 -0.60
CA GLU A 23 -5.77 -14.45 -1.39
C GLU A 23 -5.96 -13.19 -0.54
N CYS A 24 -5.03 -12.25 -0.67
CA CYS A 24 -5.09 -11.00 0.09
C CYS A 24 -5.26 -9.81 -0.84
N GLN A 25 -6.20 -8.93 -0.51
CA GLN A 25 -6.47 -7.74 -1.31
C GLN A 25 -6.46 -6.50 -0.42
N LEU A 26 -5.42 -5.68 -0.59
CA LEU A 26 -5.27 -4.47 0.22
C LEU A 26 -5.57 -3.21 -0.59
N ARG A 27 -6.37 -2.31 -0.01
CA ARG A 27 -6.71 -1.06 -0.67
C ARG A 27 -5.72 0.02 -0.29
N LEU A 28 -5.15 0.70 -1.28
CA LEU A 28 -4.17 1.76 -1.01
C LEU A 28 -4.78 3.15 -1.18
N ARG A 29 -4.65 3.98 -0.16
CA ARG A 29 -5.16 5.35 -0.23
C ARG A 29 -4.00 6.32 -0.42
N LEU A 30 -3.70 6.66 -1.68
CA LEU A 30 -2.59 7.55 -1.97
C LEU A 30 -3.05 8.98 -2.24
N SER A 31 -2.08 9.89 -2.40
CA SER A 31 -2.37 11.30 -2.65
C SER A 31 -3.41 11.85 -1.68
N THR A 32 -3.76 11.04 -0.68
CA THR A 32 -4.75 11.42 0.32
C THR A 32 -6.16 11.18 -0.21
N GLY A 33 -6.25 10.40 -1.29
CA GLY A 33 -7.53 10.11 -1.89
C GLY A 33 -7.37 9.30 -3.16
N LYS A 34 -6.36 8.43 -3.15
CA LYS A 34 -6.06 7.60 -4.29
C LYS A 34 -6.20 6.13 -3.90
N ASP A 35 -7.44 5.66 -3.88
CA ASP A 35 -7.73 4.28 -3.49
C ASP A 35 -7.66 3.34 -4.67
N LEU A 36 -6.66 2.49 -4.61
CA LEU A 36 -6.43 1.47 -5.62
C LEU A 36 -5.88 0.25 -4.90
N LYS A 37 -6.70 -0.79 -4.83
CA LYS A 37 -6.31 -2.00 -4.13
C LYS A 37 -5.50 -2.94 -5.00
N LEU A 38 -4.39 -3.43 -4.45
CA LEU A 38 -3.53 -4.37 -5.14
C LEU A 38 -3.73 -5.78 -4.60
N VAL A 39 -3.63 -6.76 -5.49
CA VAL A 39 -3.77 -8.16 -5.10
C VAL A 39 -2.44 -8.67 -4.55
N VAL A 40 -2.41 -8.95 -3.25
CA VAL A 40 -1.19 -9.41 -2.61
C VAL A 40 -1.40 -10.77 -1.95
N ARG A 41 -0.30 -11.38 -1.55
CA ARG A 41 -0.35 -12.68 -0.91
C ARG A 41 0.84 -12.85 0.04
N SER A 42 0.56 -12.69 1.34
CA SER A 42 1.53 -12.82 2.45
C SER A 42 2.99 -12.49 2.07
N THR A 43 3.48 -13.02 0.96
CA THR A 43 4.84 -12.74 0.53
C THR A 43 4.97 -11.33 -0.04
N ASP A 44 3.83 -10.71 -0.31
CA ASP A 44 3.81 -9.36 -0.86
C ASP A 44 4.03 -8.31 0.25
N THR A 45 3.00 -8.08 1.05
CA THR A 45 3.07 -7.11 2.15
C THR A 45 3.44 -5.72 1.66
N VAL A 46 3.10 -4.72 2.45
CA VAL A 46 3.37 -3.31 2.14
C VAL A 46 4.62 -3.10 1.28
N PHE A 47 5.63 -3.97 1.43
CA PHE A 47 6.84 -3.87 0.63
C PHE A 47 6.50 -4.14 -0.83
N HIS A 48 6.17 -5.40 -1.15
CA HIS A 48 5.78 -5.72 -2.51
C HIS A 48 4.60 -4.84 -2.85
N MET A 49 3.69 -4.70 -1.88
CA MET A 49 2.56 -3.81 -2.03
C MET A 49 3.06 -2.50 -2.61
N LYS A 50 4.13 -2.00 -1.98
CA LYS A 50 4.79 -0.78 -2.40
C LYS A 50 5.39 -0.98 -3.77
N ARG A 51 5.91 -2.19 -4.00
CA ARG A 51 6.49 -2.52 -5.29
C ARG A 51 5.54 -2.06 -6.39
N ARG A 52 4.26 -2.20 -6.11
CA ARG A 52 3.21 -1.79 -7.03
C ARG A 52 2.88 -0.33 -6.84
N LEU A 53 3.00 0.17 -5.60
CA LEU A 53 2.74 1.58 -5.34
C LEU A 53 3.50 2.41 -6.35
N HIS A 54 4.66 1.91 -6.77
CA HIS A 54 5.47 2.57 -7.77
C HIS A 54 5.09 2.07 -9.17
N ALA A 55 4.81 0.77 -9.27
CA ALA A 55 4.42 0.17 -10.54
C ALA A 55 2.96 0.45 -10.90
N ALA A 56 2.04 -0.06 -10.08
CA ALA A 56 0.61 0.13 -10.34
C ALA A 56 0.17 1.58 -10.21
N GLU A 57 0.62 2.26 -9.16
CA GLU A 57 0.23 3.65 -8.94
C GLU A 57 1.21 4.61 -9.61
N GLY A 58 2.50 4.46 -9.34
CA GLY A 58 3.49 5.34 -9.94
C GLY A 58 4.38 6.02 -8.92
N VAL A 59 4.21 5.68 -7.65
CA VAL A 59 5.02 6.27 -6.58
C VAL A 59 6.28 5.43 -6.35
N GLU A 60 7.34 5.78 -7.08
CA GLU A 60 8.61 5.06 -6.97
C GLU A 60 9.63 5.77 -6.05
N PRO A 61 9.69 7.12 -6.05
CA PRO A 61 10.65 7.85 -5.20
C PRO A 61 10.32 7.74 -3.72
N GLY A 62 10.72 8.74 -2.94
CA GLY A 62 10.45 8.73 -1.51
C GLY A 62 9.01 9.09 -1.19
N SER A 63 8.16 9.09 -2.21
CA SER A 63 6.74 9.42 -2.05
C SER A 63 5.93 8.19 -1.63
N GLN A 64 6.62 7.16 -1.15
CA GLN A 64 5.94 5.94 -0.73
C GLN A 64 5.93 5.79 0.78
N ARG A 65 5.16 6.65 1.46
CA ARG A 65 5.07 6.58 2.91
C ARG A 65 3.86 5.75 3.33
N TRP A 66 4.11 4.49 3.70
CA TRP A 66 3.05 3.57 4.09
C TRP A 66 2.46 3.94 5.45
N PHE A 67 1.13 4.01 5.52
CA PHE A 67 0.45 4.36 6.77
C PHE A 67 -0.92 3.71 6.86
N PHE A 68 -1.18 3.04 7.97
CA PHE A 68 -2.47 2.39 8.20
C PHE A 68 -3.05 2.79 9.55
N SER A 69 -4.27 3.33 9.54
CA SER A 69 -4.94 3.76 10.76
C SER A 69 -4.23 4.95 11.40
N GLY A 70 -3.22 5.49 10.73
CA GLY A 70 -2.49 6.62 11.27
C GLY A 70 -1.09 6.27 11.74
N ARG A 71 -0.65 5.06 11.43
CA ARG A 71 0.68 4.61 11.82
C ARG A 71 1.46 4.07 10.62
N PRO A 72 2.78 4.23 10.62
CA PRO A 72 3.63 3.76 9.51
C PRO A 72 3.71 2.24 9.45
N LEU A 73 3.34 1.67 8.31
CA LEU A 73 3.37 0.22 8.15
C LEU A 73 4.76 -0.29 7.79
N THR A 74 4.96 -1.59 7.98
CA THR A 74 6.25 -2.23 7.68
C THR A 74 6.12 -3.12 6.44
N ASP A 75 7.20 -3.85 6.14
CA ASP A 75 7.24 -4.73 4.98
C ASP A 75 6.76 -6.14 5.31
N LYS A 76 5.93 -6.26 6.34
CA LYS A 76 5.41 -7.56 6.76
C LYS A 76 4.00 -7.41 7.33
N MET A 77 3.26 -6.45 6.82
CA MET A 77 1.91 -6.19 7.29
C MET A 77 0.86 -7.12 6.67
N LYS A 78 0.99 -7.45 5.39
CA LYS A 78 -0.02 -8.27 4.73
C LYS A 78 -0.20 -9.61 5.44
N PHE A 79 0.84 -10.43 5.41
CA PHE A 79 0.80 -11.73 6.05
C PHE A 79 0.58 -11.60 7.56
N GLU A 80 0.77 -10.40 8.12
CA GLU A 80 0.62 -10.21 9.55
C GLU A 80 -0.81 -9.81 9.92
N GLU A 81 -1.54 -9.27 8.95
CA GLU A 81 -2.90 -8.84 9.18
C GLU A 81 -3.85 -9.98 8.83
N LEU A 82 -3.87 -10.31 7.54
CA LEU A 82 -4.70 -11.39 7.03
C LEU A 82 -6.18 -11.01 7.05
N LYS A 83 -6.50 -9.87 7.66
CA LYS A 83 -7.87 -9.41 7.76
C LYS A 83 -8.14 -8.27 6.78
N ILE A 84 -7.38 -8.25 5.69
CA ILE A 84 -7.52 -7.21 4.68
C ILE A 84 -8.14 -7.75 3.39
N PRO A 85 -9.38 -8.27 3.45
CA PRO A 85 -10.06 -8.80 2.27
C PRO A 85 -10.47 -7.69 1.30
N LYS A 86 -10.72 -6.51 1.85
CA LYS A 86 -11.12 -5.35 1.04
C LYS A 86 -11.38 -4.14 1.94
N ASP A 87 -11.95 -4.39 3.11
CA ASP A 87 -12.25 -3.32 4.06
C ASP A 87 -10.98 -2.60 4.51
N TYR A 88 -9.90 -3.35 4.70
CA TYR A 88 -8.65 -2.77 5.14
C TYR A 88 -7.96 -2.01 4.02
N VAL A 89 -7.58 -0.76 4.32
CA VAL A 89 -6.94 0.10 3.33
C VAL A 89 -5.75 0.84 3.94
N VAL A 90 -4.57 0.63 3.36
CA VAL A 90 -3.36 1.31 3.84
C VAL A 90 -3.19 2.63 3.12
N GLN A 91 -3.14 3.70 3.90
CA GLN A 91 -2.98 5.03 3.35
C GLN A 91 -1.51 5.39 3.18
N VAL A 92 -1.15 5.81 1.98
CA VAL A 92 0.23 6.19 1.69
C VAL A 92 0.36 7.70 1.57
N ILE A 93 1.60 8.18 1.53
CA ILE A 93 1.85 9.61 1.41
C ILE A 93 2.80 9.87 0.25
N VAL A 94 2.32 10.66 -0.70
CA VAL A 94 3.08 11.04 -1.88
C VAL A 94 2.82 12.50 -2.25
N SER A 95 3.80 13.35 -1.98
CA SER A 95 3.67 14.77 -2.28
C SER A 95 4.28 15.11 -3.63
N GLN A 96 4.33 14.13 -4.52
CA GLN A 96 4.89 14.33 -5.85
C GLN A 96 3.94 13.81 -6.92
N PRO A 97 2.96 14.64 -7.33
CA PRO A 97 1.98 14.27 -8.36
C PRO A 97 2.63 14.08 -9.73
N VAL A 98 3.57 14.96 -10.06
CA VAL A 98 4.26 14.90 -11.34
C VAL A 98 5.69 15.42 -11.22
N GLN A 99 6.25 15.34 -10.02
CA GLN A 99 7.61 15.80 -9.77
C GLN A 99 7.74 17.30 -10.06
N ASN A 100 8.72 17.94 -9.43
CA ASN A 100 8.95 19.36 -9.63
C ASN A 100 7.72 20.17 -9.24
#